data_4PSN
#
_entry.id   4PSN
#
_cell.length_a   61.240
_cell.length_b   108.640
_cell.length_c   154.880
_cell.angle_alpha   90.00
_cell.angle_beta   90.00
_cell.angle_gamma   90.00
#
_symmetry.space_group_name_H-M   'P 21 21 21'
#
loop_
_entity.id
_entity.type
_entity.pdbx_description
1 polymer 'ssDNA binding protein'
2 non-polymer IMIDAZOLE
3 non-polymer GLYCEROL
4 water water
#
_entity_poly.entity_id   1
_entity_poly.type   'polypeptide(L)'
_entity_poly.pdbx_seq_one_letter_code
;GA(MSE)LPTLRTGLVIAAGYADKVRRVLFAQLRDAIKSGELSNKDVA(MSE)AAGNLNRVLFELLVNKLKADKLDVVRI
QIDYEVRDSQIQFDFSTLRVELWRRVPEEEIAPIVEDFARAAPRLLEEEIRFTVEKVGETDVGDVVYRI(MSE)YRGSDV
GALIVTPLNGEALVRGAVVEPTPLLLKRTRVQVEADRIDDFVRESVSRLFSEAQNVEKREAVRVVNEILSLVKAGEEGFE
EALEEEVEG
;
_entity_poly.pdbx_strand_id   A,B,C,D
#
loop_
_chem_comp.id
_chem_comp.type
_chem_comp.name
_chem_comp.formula
GOL non-polymer GLYCEROL 'C3 H8 O3'
IMD non-polymer IMIDAZOLE 'C3 H5 N2 1'
#
# COMPACT_ATOMS: atom_id res chain seq x y z
N MSE A 3 -13.74 15.21 18.31
CA MSE A 3 -12.88 15.01 17.15
C MSE A 3 -13.29 13.77 16.36
O MSE A 3 -13.94 12.87 16.89
CB MSE A 3 -11.42 14.90 17.56
CG MSE A 3 -10.46 15.12 16.42
SE MSE A 3 -8.64 14.91 17.01
CE MSE A 3 -7.69 15.56 15.43
N LEU A 4 -12.91 13.73 15.09
CA LEU A 4 -13.52 12.78 14.17
C LEU A 4 -12.56 11.97 13.31
N PRO A 5 -12.96 10.74 13.00
CA PRO A 5 -12.25 9.96 11.98
C PRO A 5 -12.22 10.74 10.66
N THR A 6 -11.18 10.50 9.87
CA THR A 6 -11.02 11.18 8.60
C THR A 6 -10.94 10.14 7.49
N LEU A 7 -11.78 10.29 6.47
CA LEU A 7 -11.64 9.49 5.28
C LEU A 7 -10.49 10.08 4.47
N ARG A 8 -9.48 9.26 4.16
CA ARG A 8 -8.31 9.75 3.43
C ARG A 8 -8.02 8.85 2.23
N THR A 9 -7.87 9.44 1.04
CA THR A 9 -7.59 8.61 -0.13
C THR A 9 -6.11 8.34 -0.31
N GLY A 10 -5.23 9.22 0.17
CA GLY A 10 -3.84 9.17 -0.24
C GLY A 10 -3.77 9.67 -1.68
N LEU A 11 -2.62 9.55 -2.33
CA LEU A 11 -2.51 9.93 -3.73
C LEU A 11 -3.22 8.90 -4.61
N VAL A 12 -4.04 9.39 -5.54
N VAL A 12 -4.03 9.39 -5.55
CA VAL A 12 -4.76 8.52 -6.43
CA VAL A 12 -4.78 8.52 -6.45
C VAL A 12 -4.97 9.18 -7.81
C VAL A 12 -4.99 9.17 -7.81
N ILE A 13 -4.89 8.39 -8.88
CA ILE A 13 -5.19 8.89 -10.21
C ILE A 13 -6.67 9.27 -10.21
N ALA A 14 -7.00 10.41 -10.81
CA ALA A 14 -8.34 10.97 -10.65
C ALA A 14 -9.45 10.03 -11.12
N ALA A 15 -9.19 9.28 -12.18
CA ALA A 15 -10.17 8.31 -12.69
C ALA A 15 -10.50 7.23 -11.67
N GLY A 16 -9.66 7.06 -10.66
CA GLY A 16 -9.90 6.02 -9.68
C GLY A 16 -10.36 6.49 -8.33
N TYR A 17 -10.68 7.78 -8.18
CA TYR A 17 -10.92 8.30 -6.83
C TYR A 17 -12.12 7.66 -6.15
N ALA A 18 -13.18 7.34 -6.92
CA ALA A 18 -14.43 6.86 -6.32
C ALA A 18 -14.29 5.48 -5.69
N ASP A 19 -13.62 4.58 -6.40
CA ASP A 19 -13.32 3.29 -5.82
C ASP A 19 -12.37 3.37 -4.62
N LYS A 20 -11.45 4.33 -4.63
CA LYS A 20 -10.59 4.47 -3.44
C LYS A 20 -11.42 4.95 -2.23
N VAL A 21 -12.29 5.94 -2.47
CA VAL A 21 -13.14 6.44 -1.41
C VAL A 21 -13.98 5.32 -0.82
N ARG A 22 -14.58 4.50 -1.70
CA ARG A 22 -15.45 3.42 -1.25
C ARG A 22 -14.64 2.40 -0.46
N ARG A 23 -13.49 1.99 -0.99
CA ARG A 23 -12.68 0.99 -0.32
C ARG A 23 -12.18 1.46 1.04
N VAL A 24 -11.78 2.74 1.13
CA VAL A 24 -11.24 3.24 2.38
C VAL A 24 -12.34 3.30 3.44
N LEU A 25 -13.53 3.76 3.05
CA LEU A 25 -14.64 3.87 4.00
C LEU A 25 -15.04 2.49 4.53
N PHE A 26 -15.21 1.52 3.65
CA PHE A 26 -15.50 0.15 4.08
C PHE A 26 -14.43 -0.40 5.03
N ALA A 27 -13.15 -0.19 4.71
CA ALA A 27 -12.07 -0.60 5.62
C ALA A 27 -12.20 0.05 7.00
N GLN A 28 -12.46 1.35 7.03
CA GLN A 28 -12.54 2.05 8.31
C GLN A 28 -13.71 1.59 9.17
N LEU A 29 -14.82 1.22 8.52
CA LEU A 29 -16.04 0.91 9.25
C LEU A 29 -16.34 -0.58 9.27
N ARG A 30 -15.33 -1.41 9.00
CA ARG A 30 -15.53 -2.84 8.96
C ARG A 30 -16.01 -3.40 10.31
N ASP A 31 -15.48 -2.85 11.41
CA ASP A 31 -15.89 -3.27 12.75
C ASP A 31 -17.33 -2.85 13.08
N ALA A 32 -17.71 -1.65 12.65
CA ALA A 32 -19.07 -1.16 12.88
C ALA A 32 -20.10 -1.96 12.09
N ILE A 33 -19.67 -2.53 10.97
CA ILE A 33 -20.56 -3.37 10.17
C ILE A 33 -20.64 -4.79 10.74
N LYS A 34 -19.48 -5.36 11.08
CA LYS A 34 -19.43 -6.70 11.67
C LYS A 34 -20.28 -6.73 12.93
N SER A 35 -20.35 -5.60 13.62
CA SER A 35 -21.09 -5.51 14.87
C SER A 35 -22.53 -5.05 14.69
N GLY A 36 -22.98 -4.92 13.45
CA GLY A 36 -24.37 -4.58 13.16
C GLY A 36 -24.74 -3.12 13.39
N GLU A 37 -23.76 -2.33 13.82
CA GLU A 37 -23.96 -0.91 14.06
C GLU A 37 -24.33 -0.16 12.78
N LEU A 38 -23.79 -0.64 11.66
CA LEU A 38 -24.09 -0.07 10.35
C LEU A 38 -24.29 -1.22 9.40
N SER A 39 -25.10 -1.01 8.37
CA SER A 39 -25.25 -2.01 7.32
C SER A 39 -24.26 -1.77 6.18
N ASN A 40 -23.94 -2.83 5.44
CA ASN A 40 -23.18 -2.68 4.21
C ASN A 40 -23.80 -1.59 3.34
N LYS A 41 -25.13 -1.58 3.29
CA LYS A 41 -25.87 -0.61 2.50
C LYS A 41 -25.61 0.83 2.95
N ASP A 42 -25.66 1.07 4.25
CA ASP A 42 -25.39 2.40 4.82
C ASP A 42 -24.04 2.96 4.36
N VAL A 43 -23.03 2.10 4.37
CA VAL A 43 -21.70 2.55 4.01
C VAL A 43 -21.58 2.77 2.51
N ALA A 44 -22.19 1.88 1.72
CA ALA A 44 -22.15 2.03 0.27
C ALA A 44 -22.80 3.33 -0.15
N MSE A 45 -23.88 3.69 0.54
CA MSE A 45 -24.63 4.87 0.15
C MSE A 45 -23.88 6.12 0.57
O MSE A 45 -23.86 7.11 -0.16
CB MSE A 45 -26.01 4.90 0.77
CG MSE A 45 -27.07 4.21 -0.05
SE MSE A 45 -28.74 4.26 0.95
CE MSE A 45 -28.74 6.15 1.44
N ALA A 46 -23.27 6.07 1.74
CA ALA A 46 -22.46 7.19 2.20
C ALA A 46 -21.33 7.45 1.21
N ALA A 47 -20.54 6.44 0.90
CA ALA A 47 -19.47 6.59 -0.07
C ALA A 47 -20.02 7.06 -1.44
N GLY A 48 -21.15 6.49 -1.85
CA GLY A 48 -21.76 6.84 -3.11
C GLY A 48 -22.17 8.30 -3.16
N ASN A 49 -22.78 8.78 -2.08
CA ASN A 49 -23.16 10.18 -1.99
C ASN A 49 -21.95 11.11 -1.96
N LEU A 50 -20.90 10.70 -1.23
CA LEU A 50 -19.71 11.53 -1.20
C LEU A 50 -19.10 11.61 -2.60
N ASN A 51 -19.07 10.47 -3.29
CA ASN A 51 -18.47 10.41 -4.63
C ASN A 51 -19.19 11.30 -5.63
N ARG A 52 -20.51 11.40 -5.45
CA ARG A 52 -21.34 12.23 -6.30
C ARG A 52 -20.94 13.69 -6.09
N VAL A 53 -20.77 14.06 -4.83
CA VAL A 53 -20.34 15.43 -4.53
C VAL A 53 -18.94 15.71 -5.09
N LEU A 54 -18.03 14.74 -4.91
CA LEU A 54 -16.67 14.90 -5.40
C LEU A 54 -16.62 15.02 -6.92
N PHE A 55 -17.50 14.29 -7.60
CA PHE A 55 -17.57 14.40 -9.05
C PHE A 55 -17.84 15.83 -9.53
N GLU A 56 -18.80 16.51 -8.91
CA GLU A 56 -19.16 17.85 -9.33
C GLU A 56 -17.96 18.76 -9.07
N LEU A 57 -17.37 18.62 -7.89
CA LEU A 57 -16.21 19.43 -7.52
C LEU A 57 -15.01 19.23 -8.46
N LEU A 58 -14.59 18.00 -8.61
CA LEU A 58 -13.38 17.68 -9.39
C LEU A 58 -13.53 17.91 -10.88
N VAL A 59 -14.62 17.43 -11.45
CA VAL A 59 -14.79 17.51 -12.90
C VAL A 59 -15.33 18.87 -13.36
N ASN A 60 -16.22 19.47 -12.58
CA ASN A 60 -16.78 20.78 -12.94
C ASN A 60 -15.98 21.97 -12.42
N LYS A 61 -15.88 22.11 -11.10
CA LYS A 61 -15.28 23.29 -10.52
C LYS A 61 -13.74 23.35 -10.64
N LEU A 62 -13.08 22.20 -10.52
CA LEU A 62 -11.62 22.19 -10.56
C LEU A 62 -11.09 21.74 -11.90
N LYS A 63 -11.98 21.29 -12.79
CA LYS A 63 -11.60 20.81 -14.11
C LYS A 63 -10.39 19.90 -14.04
N ALA A 64 -10.44 18.88 -13.18
CA ALA A 64 -9.41 17.88 -13.12
C ALA A 64 -9.59 16.90 -14.27
N ASP A 65 -8.48 16.53 -14.92
CA ASP A 65 -8.51 15.52 -15.95
C ASP A 65 -8.42 14.14 -15.32
N LYS A 66 -8.98 13.13 -15.97
CA LYS A 66 -8.99 11.78 -15.39
C LYS A 66 -7.60 11.18 -15.15
N LEU A 67 -6.59 11.73 -15.81
CA LEU A 67 -5.22 11.24 -15.66
C LEU A 67 -4.39 12.11 -14.74
N ASP A 68 -5.04 13.08 -14.08
CA ASP A 68 -4.38 13.87 -13.05
C ASP A 68 -4.31 13.08 -11.74
N VAL A 69 -3.67 13.66 -10.73
CA VAL A 69 -3.58 13.07 -9.41
C VAL A 69 -4.34 13.93 -8.41
N VAL A 70 -5.08 13.28 -7.51
CA VAL A 70 -5.79 14.01 -6.47
C VAL A 70 -5.54 13.33 -5.14
N ARG A 71 -5.79 14.07 -4.07
CA ARG A 71 -5.76 13.50 -2.74
C ARG A 71 -6.83 14.20 -1.96
N ILE A 72 -7.65 13.42 -1.27
CA ILE A 72 -8.86 13.95 -0.67
C ILE A 72 -9.00 13.51 0.76
N GLN A 73 -9.47 14.42 1.60
CA GLN A 73 -9.78 14.00 2.95
C GLN A 73 -11.00 14.74 3.47
N ILE A 74 -11.78 14.07 4.30
CA ILE A 74 -12.92 14.72 4.92
C ILE A 74 -13.30 13.96 6.18
N ASP A 75 -13.73 14.70 7.20
CA ASP A 75 -14.11 14.08 8.46
C ASP A 75 -15.54 13.58 8.39
N TYR A 76 -15.84 12.57 9.21
CA TYR A 76 -17.22 12.09 9.26
C TYR A 76 -17.55 11.62 10.67
N GLU A 77 -18.84 11.48 10.92
CA GLU A 77 -19.32 11.04 12.22
C GLU A 77 -20.31 9.92 12.00
N VAL A 78 -20.29 8.92 12.86
CA VAL A 78 -21.31 7.89 12.81
C VAL A 78 -22.31 8.10 13.95
N ARG A 79 -23.49 8.61 13.60
CA ARG A 79 -24.56 8.86 14.57
C ARG A 79 -25.81 8.06 14.22
N ASP A 80 -26.44 7.46 15.23
CA ASP A 80 -27.72 6.79 15.05
C ASP A 80 -27.73 5.89 13.81
N SER A 81 -26.64 5.14 13.64
CA SER A 81 -26.49 4.23 12.49
C SER A 81 -26.54 4.92 11.13
N GLN A 82 -26.16 6.20 11.10
CA GLN A 82 -26.02 6.93 9.85
C GLN A 82 -24.65 7.58 9.77
N ILE A 83 -24.12 7.70 8.55
CA ILE A 83 -22.87 8.40 8.35
C ILE A 83 -23.13 9.83 7.92
N GLN A 84 -22.47 10.77 8.59
CA GLN A 84 -22.64 12.19 8.30
C GLN A 84 -21.29 12.87 8.08
N PHE A 85 -21.09 13.40 6.89
CA PHE A 85 -19.81 14.04 6.54
C PHE A 85 -19.76 15.50 7.00
N ASP A 86 -18.59 15.95 7.43
CA ASP A 86 -18.41 17.33 7.88
C ASP A 86 -17.73 18.11 6.77
N PHE A 87 -18.50 18.77 5.92
CA PHE A 87 -17.96 19.38 4.71
C PHE A 87 -17.04 20.58 4.95
N SER A 88 -17.05 21.12 6.16
CA SER A 88 -16.09 22.14 6.54
C SER A 88 -14.66 21.58 6.70
N THR A 89 -14.51 20.26 6.71
CA THR A 89 -13.18 19.66 6.81
C THR A 89 -12.72 19.07 5.47
N LEU A 90 -13.51 19.27 4.42
CA LEU A 90 -13.16 18.76 3.10
C LEU A 90 -11.89 19.41 2.58
N ARG A 91 -10.85 18.62 2.34
CA ARG A 91 -9.65 19.13 1.70
C ARG A 91 -9.37 18.34 0.42
N VAL A 92 -9.03 19.07 -0.63
CA VAL A 92 -8.69 18.43 -1.89
C VAL A 92 -7.36 18.98 -2.36
N GLU A 93 -6.48 18.10 -2.82
CA GLU A 93 -5.25 18.55 -3.45
C GLU A 93 -5.27 18.05 -4.88
N LEU A 94 -4.70 18.83 -5.79
CA LEU A 94 -4.72 18.46 -7.20
C LEU A 94 -3.33 18.67 -7.79
N TRP A 95 -2.90 17.71 -8.61
CA TRP A 95 -1.63 17.81 -9.33
C TRP A 95 -1.95 17.55 -10.79
N ARG A 96 -1.51 18.43 -11.68
CA ARG A 96 -1.82 18.30 -13.08
C ARG A 96 -0.70 17.61 -13.86
N ARG A 97 -1.10 16.63 -14.68
CA ARG A 97 -0.18 15.81 -15.45
C ARG A 97 0.66 16.65 -16.43
N VAL A 98 1.96 16.44 -16.43
CA VAL A 98 2.83 16.98 -17.46
C VAL A 98 2.72 16.08 -18.70
N PRO A 99 2.43 16.67 -19.87
CA PRO A 99 2.19 15.86 -21.07
C PRO A 99 3.44 15.09 -21.44
N GLU A 100 3.27 13.89 -21.97
CA GLU A 100 4.39 13.07 -22.44
C GLU A 100 5.33 13.85 -23.35
N GLU A 101 4.80 14.77 -24.14
CA GLU A 101 5.62 15.52 -25.08
C GLU A 101 6.74 16.28 -24.37
N GLU A 102 6.43 16.85 -23.21
CA GLU A 102 7.43 17.60 -22.46
C GLU A 102 8.44 16.70 -21.78
N ILE A 103 8.01 15.52 -21.36
CA ILE A 103 8.84 14.66 -20.52
C ILE A 103 9.68 13.66 -21.29
N ALA A 104 9.05 13.00 -22.28
CA ALA A 104 9.67 11.89 -22.98
C ALA A 104 11.09 12.15 -23.51
N PRO A 105 11.30 13.27 -24.20
CA PRO A 105 12.62 13.52 -24.78
C PRO A 105 13.67 13.69 -23.70
N ILE A 106 13.28 14.30 -22.59
CA ILE A 106 14.21 14.50 -21.50
C ILE A 106 14.58 13.17 -20.86
N VAL A 107 13.58 12.35 -20.58
CA VAL A 107 13.84 11.02 -20.03
C VAL A 107 14.75 10.26 -20.98
N GLU A 108 14.48 10.37 -22.28
CA GLU A 108 15.28 9.73 -23.32
C GLU A 108 16.77 10.08 -23.22
N ASP A 109 17.07 11.35 -22.99
CA ASP A 109 18.47 11.79 -22.85
C ASP A 109 19.22 11.08 -21.74
N PHE A 110 18.57 10.93 -20.58
CA PHE A 110 19.22 10.31 -19.43
C PHE A 110 19.36 8.82 -19.59
N ALA A 111 18.43 8.21 -20.31
CA ALA A 111 18.60 6.81 -20.65
C ALA A 111 19.98 6.68 -21.30
N ARG A 112 20.33 7.64 -22.14
CA ARG A 112 21.58 7.58 -22.88
C ARG A 112 22.76 7.99 -22.01
N ALA A 113 22.55 9.01 -21.19
CA ALA A 113 23.64 9.57 -20.39
C ALA A 113 23.84 8.86 -19.04
N ALA A 114 22.90 8.02 -18.64
CA ALA A 114 22.99 7.42 -17.31
C ALA A 114 24.30 6.68 -17.05
N PRO A 115 24.71 5.82 -17.98
CA PRO A 115 25.97 5.08 -17.75
C PRO A 115 27.16 5.97 -17.49
N ARG A 116 27.37 7.02 -18.28
CA ARG A 116 28.55 7.85 -18.06
C ARG A 116 28.37 8.76 -16.86
N LEU A 117 27.12 9.08 -16.52
CA LEU A 117 26.86 9.89 -15.33
C LEU A 117 27.30 9.13 -14.08
N LEU A 118 26.97 7.84 -14.03
CA LEU A 118 27.37 6.99 -12.90
C LEU A 118 28.88 6.76 -12.79
N GLU A 119 29.59 6.90 -13.91
CA GLU A 119 31.03 6.73 -13.93
C GLU A 119 31.73 7.84 -13.13
N GLU A 120 31.17 9.04 -13.18
CA GLU A 120 31.79 10.19 -12.52
C GLU A 120 31.66 10.13 -11.00
N GLU A 121 32.77 10.39 -10.32
CA GLU A 121 32.73 10.66 -8.89
C GLU A 121 31.90 11.93 -8.69
N ILE A 122 31.05 11.92 -7.67
CA ILE A 122 30.26 13.10 -7.36
C ILE A 122 31.17 14.16 -6.77
N ARG A 123 31.12 15.36 -7.33
CA ARG A 123 31.94 16.46 -6.88
C ARG A 123 31.22 17.33 -5.85
N PHE A 124 31.77 17.40 -4.64
CA PHE A 124 31.21 18.20 -3.58
C PHE A 124 32.18 19.33 -3.24
N THR A 125 31.69 20.39 -2.63
CA THR A 125 32.59 21.40 -2.04
C THR A 125 32.18 21.61 -0.60
N VAL A 126 33.01 22.30 0.17
CA VAL A 126 32.70 22.51 1.58
C VAL A 126 32.91 23.94 2.05
N GLU A 127 32.35 24.22 3.22
CA GLU A 127 32.53 25.50 3.88
C GLU A 127 32.45 25.28 5.39
N LYS A 128 33.39 25.85 6.13
CA LYS A 128 33.40 25.71 7.57
C LYS A 128 32.22 26.44 8.18
N VAL A 129 31.54 25.78 9.12
CA VAL A 129 30.37 26.32 9.80
C VAL A 129 30.68 26.74 11.23
N GLY A 130 31.50 25.96 11.93
CA GLY A 130 31.86 26.30 13.29
C GLY A 130 32.59 25.19 14.00
N GLU A 131 32.66 25.28 15.32
CA GLU A 131 33.32 24.26 16.13
C GLU A 131 32.46 23.97 17.33
N THR A 132 32.51 22.74 17.83
CA THR A 132 31.61 22.33 18.89
C THR A 132 32.20 22.64 20.25
N ASP A 133 31.41 22.38 21.30
CA ASP A 133 31.86 22.50 22.69
C ASP A 133 33.23 21.85 22.91
N VAL A 134 33.40 20.63 22.39
CA VAL A 134 34.63 19.89 22.66
C VAL A 134 35.71 20.10 21.60
N GLY A 135 35.44 20.98 20.66
CA GLY A 135 36.43 21.35 19.66
C GLY A 135 36.40 20.55 18.37
N ASP A 136 35.32 19.81 18.10
CA ASP A 136 35.18 19.22 16.75
C ASP A 136 34.89 20.32 15.75
N VAL A 137 35.34 20.14 14.50
CA VAL A 137 35.11 21.15 13.47
C VAL A 137 34.01 20.67 12.53
N VAL A 138 33.05 21.55 12.26
CA VAL A 138 31.89 21.19 11.44
C VAL A 138 31.87 21.97 10.12
N TYR A 139 31.69 21.24 9.02
CA TYR A 139 31.61 21.83 7.69
C TYR A 139 30.26 21.56 7.07
N ARG A 140 29.75 22.51 6.31
CA ARG A 140 28.59 22.23 5.49
C ARG A 140 29.10 21.73 4.12
N ILE A 141 28.34 20.83 3.50
CA ILE A 141 28.76 20.27 2.23
C ILE A 141 27.78 20.71 1.15
N MSE A 142 28.32 21.08 -0.01
CA MSE A 142 27.46 21.52 -1.08
C MSE A 142 27.68 20.72 -2.34
O MSE A 142 28.75 20.17 -2.57
CB MSE A 142 27.72 23.00 -1.34
CG MSE A 142 27.12 23.83 -0.23
SE MSE A 142 28.50 24.86 0.55
CE MSE A 142 28.59 26.00 -0.97
N TYR A 143 26.63 20.67 -3.16
CA TYR A 143 26.66 20.04 -4.46
C TYR A 143 26.16 21.07 -5.44
N ARG A 144 26.97 21.39 -6.45
CA ARG A 144 26.64 22.47 -7.38
C ARG A 144 26.17 23.74 -6.67
N GLY A 145 26.89 24.11 -5.62
CA GLY A 145 26.68 25.37 -4.92
C GLY A 145 25.57 25.39 -3.89
N SER A 146 24.81 24.30 -3.80
CA SER A 146 23.64 24.27 -2.94
C SER A 146 23.89 23.34 -1.74
N ASP A 147 23.43 23.73 -0.56
CA ASP A 147 23.68 22.94 0.67
C ASP A 147 23.06 21.55 0.58
N VAL A 148 23.84 20.50 0.79
CA VAL A 148 23.31 19.12 0.74
C VAL A 148 23.68 18.27 1.97
N GLY A 149 24.58 18.74 2.80
CA GLY A 149 25.04 17.88 3.86
C GLY A 149 25.98 18.54 4.84
N ALA A 150 26.64 17.71 5.63
CA ALA A 150 27.56 18.22 6.64
C ALA A 150 28.53 17.15 7.05
N LEU A 151 29.69 17.59 7.53
CA LEU A 151 30.59 16.66 8.14
C LEU A 151 31.23 17.24 9.36
N ILE A 152 31.72 16.34 10.19
CA ILE A 152 32.30 16.75 11.44
C ILE A 152 33.62 16.03 11.58
N VAL A 153 34.66 16.77 11.99
CA VAL A 153 36.00 16.23 12.11
C VAL A 153 36.46 16.42 13.53
N THR A 154 36.90 15.33 14.15
CA THR A 154 37.41 15.37 15.52
C THR A 154 38.93 15.22 15.49
N PRO A 155 39.64 16.31 15.79
CA PRO A 155 41.10 16.28 15.81
C PRO A 155 41.56 15.48 17.01
N LEU A 156 42.44 14.52 16.81
CA LEU A 156 43.13 13.88 17.92
C LEU A 156 44.60 14.32 17.81
N ASN A 157 45.51 13.57 18.44
CA ASN A 157 46.93 13.90 18.35
C ASN A 157 47.57 13.24 17.12
N GLY A 158 47.72 14.01 16.04
CA GLY A 158 48.26 13.49 14.79
C GLY A 158 47.28 12.69 13.94
N GLU A 159 46.06 12.54 14.43
CA GLU A 159 45.06 11.85 13.63
C GLU A 159 43.72 12.55 13.81
N ALA A 160 42.72 12.12 13.05
CA ALA A 160 41.42 12.71 13.20
C ALA A 160 40.32 11.73 12.82
N LEU A 161 39.15 11.90 13.42
CA LEU A 161 37.98 11.11 13.08
C LEU A 161 37.07 11.99 12.25
N VAL A 162 36.50 11.40 11.21
N VAL A 162 36.48 11.43 11.20
CA VAL A 162 35.58 12.09 10.31
CA VAL A 162 35.56 12.20 10.36
C VAL A 162 34.29 11.30 10.19
C VAL A 162 34.33 11.37 10.00
N ARG A 163 33.17 12.00 10.13
CA ARG A 163 31.88 11.35 9.92
C ARG A 163 31.00 12.39 9.23
N GLY A 164 29.99 11.97 8.48
CA GLY A 164 29.19 12.95 7.77
C GLY A 164 28.11 12.33 6.90
N ALA A 165 27.39 13.19 6.19
CA ALA A 165 26.32 12.68 5.34
C ALA A 165 25.94 13.75 4.36
N VAL A 166 25.38 13.31 3.22
CA VAL A 166 24.74 14.18 2.25
C VAL A 166 23.41 13.58 1.87
N VAL A 167 22.46 14.45 1.56
N VAL A 167 22.46 14.45 1.56
CA VAL A 167 21.13 14.02 1.18
CA VAL A 167 21.12 14.02 1.19
C VAL A 167 21.00 13.91 -0.33
C VAL A 167 20.95 13.96 -0.32
N GLU A 168 21.78 14.71 -1.05
CA GLU A 168 21.73 14.77 -2.52
C GLU A 168 23.14 14.80 -3.11
N PRO A 169 23.31 14.39 -4.38
CA PRO A 169 22.27 13.94 -5.31
C PRO A 169 21.79 12.53 -5.02
N THR A 170 22.44 11.84 -4.09
CA THR A 170 21.92 10.57 -3.58
C THR A 170 22.33 10.45 -2.11
N PRO A 171 21.47 9.85 -1.25
CA PRO A 171 21.78 9.89 0.20
C PRO A 171 22.96 8.99 0.56
N LEU A 172 23.95 9.59 1.19
CA LEU A 172 25.19 8.90 1.49
C LEU A 172 25.53 9.17 2.95
N LEU A 173 25.96 8.12 3.64
CA LEU A 173 26.42 8.22 5.02
C LEU A 173 27.91 7.87 5.06
N LEU A 174 28.74 8.83 5.50
CA LEU A 174 30.15 8.56 5.70
C LEU A 174 30.34 8.15 7.15
N LYS A 175 30.55 6.86 7.36
CA LYS A 175 30.68 6.33 8.71
C LYS A 175 32.00 6.79 9.33
N ARG A 176 32.09 6.71 10.65
CA ARG A 176 33.30 7.13 11.35
C ARG A 176 34.54 6.57 10.68
N THR A 177 35.44 7.46 10.30
CA THR A 177 36.64 7.10 9.55
C THR A 177 37.82 7.77 10.23
N ARG A 178 38.87 7.00 10.47
CA ARG A 178 40.05 7.56 11.13
C ARG A 178 41.16 7.85 10.12
N VAL A 179 41.66 9.08 10.10
CA VAL A 179 42.75 9.40 9.19
C VAL A 179 43.96 9.94 9.94
N GLN A 180 45.13 9.84 9.32
CA GLN A 180 46.32 10.43 9.89
C GLN A 180 46.61 11.77 9.23
N VAL A 181 46.55 12.84 10.01
CA VAL A 181 46.70 14.16 9.45
C VAL A 181 47.04 15.09 10.59
N GLU A 182 47.88 16.08 10.32
CA GLU A 182 48.24 17.07 11.34
C GLU A 182 47.07 18.02 11.60
N ALA A 183 46.92 18.46 12.85
CA ALA A 183 45.76 19.26 13.23
C ALA A 183 45.67 20.57 12.44
N ASP A 184 46.81 21.20 12.16
CA ASP A 184 46.79 22.48 11.44
C ASP A 184 46.53 22.36 9.92
N ARG A 185 46.31 21.14 9.43
CA ARG A 185 46.00 20.95 8.01
C ARG A 185 44.67 20.25 7.79
N ILE A 186 43.86 20.18 8.83
CA ILE A 186 42.56 19.53 8.73
C ILE A 186 41.69 20.25 7.71
N ASP A 187 41.64 21.58 7.79
CA ASP A 187 40.89 22.36 6.82
C ASP A 187 41.31 22.10 5.37
N ASP A 188 42.62 22.07 5.12
CA ASP A 188 43.13 21.74 3.79
C ASP A 188 42.68 20.33 3.43
N PHE A 189 42.75 19.43 4.40
CA PHE A 189 42.35 18.04 4.16
C PHE A 189 40.88 17.96 3.75
N VAL A 190 40.01 18.60 4.51
CA VAL A 190 38.59 18.55 4.20
C VAL A 190 38.30 19.12 2.80
N ARG A 191 38.89 20.26 2.47
CA ARG A 191 38.63 20.88 1.18
C ARG A 191 39.16 20.04 0.01
N GLU A 192 40.28 19.35 0.21
CA GLU A 192 40.86 18.53 -0.86
C GLU A 192 40.19 17.16 -1.03
N SER A 193 39.60 16.62 0.03
N SER A 193 39.61 16.62 0.04
CA SER A 193 39.24 15.20 0.02
CA SER A 193 39.25 15.21 0.07
C SER A 193 37.76 14.90 0.20
C SER A 193 37.76 14.90 0.18
N VAL A 194 36.94 15.93 0.42
CA VAL A 194 35.50 15.67 0.59
C VAL A 194 34.92 14.73 -0.49
N SER A 195 35.25 14.96 -1.76
CA SER A 195 34.63 14.14 -2.81
C SER A 195 35.15 12.70 -2.75
N ARG A 196 36.44 12.55 -2.47
CA ARG A 196 37.05 11.23 -2.34
C ARG A 196 36.49 10.47 -1.14
N LEU A 197 36.31 11.14 -0.01
CA LEU A 197 35.71 10.51 1.17
C LEU A 197 34.34 9.96 0.84
N PHE A 198 33.52 10.78 0.18
CA PHE A 198 32.18 10.35 -0.14
C PHE A 198 32.07 9.34 -1.29
N SER A 199 33.12 9.21 -2.10
CA SER A 199 33.07 8.19 -3.15
C SER A 199 33.02 6.78 -2.52
N GLU A 200 33.29 6.68 -1.23
CA GLU A 200 33.24 5.38 -0.57
C GLU A 200 32.22 5.33 0.56
N ALA A 201 31.34 6.33 0.63
CA ALA A 201 30.32 6.36 1.68
C ALA A 201 29.23 5.33 1.40
N GLN A 202 28.36 5.12 2.38
CA GLN A 202 27.34 4.10 2.31
C GLN A 202 26.04 4.69 1.76
N ASN A 203 25.40 3.98 0.83
CA ASN A 203 24.07 4.36 0.33
C ASN A 203 23.02 4.05 1.38
N VAL A 204 22.31 5.07 1.83
CA VAL A 204 21.34 4.89 2.91
C VAL A 204 20.01 5.53 2.52
N GLU A 205 19.04 5.48 3.43
CA GLU A 205 17.78 6.18 3.20
C GLU A 205 18.00 7.67 3.38
N LYS A 206 17.23 8.45 2.64
CA LYS A 206 17.28 9.89 2.77
C LYS A 206 16.99 10.31 4.20
N ARG A 207 16.05 9.65 4.85
CA ARG A 207 15.66 10.07 6.20
C ARG A 207 16.84 9.92 7.16
N GLU A 208 17.69 8.94 6.91
CA GLU A 208 18.86 8.75 7.78
C GLU A 208 19.87 9.87 7.52
N ALA A 209 20.14 10.14 6.25
CA ALA A 209 21.12 11.19 5.93
C ALA A 209 20.63 12.52 6.46
N VAL A 210 19.33 12.80 6.26
CA VAL A 210 18.73 14.03 6.78
C VAL A 210 18.96 14.15 8.30
N ARG A 211 18.73 13.07 9.03
CA ARG A 211 18.91 13.09 10.48
C ARG A 211 20.36 13.35 10.89
N VAL A 212 21.30 12.69 10.20
CA VAL A 212 22.71 12.85 10.55
C VAL A 212 23.16 14.28 10.27
N VAL A 213 22.67 14.86 9.18
CA VAL A 213 23.09 16.23 8.83
C VAL A 213 22.58 17.18 9.89
N ASN A 214 21.31 17.04 10.26
CA ASN A 214 20.76 17.88 11.32
C ASN A 214 21.45 17.70 12.69
N GLU A 215 21.78 16.45 13.06
CA GLU A 215 22.49 16.22 14.33
C GLU A 215 23.82 16.97 14.34
N ILE A 216 24.57 16.85 13.25
CA ILE A 216 25.84 17.54 13.13
C ILE A 216 25.72 19.06 13.21
N LEU A 217 24.80 19.63 12.43
CA LEU A 217 24.64 21.08 12.40
C LEU A 217 24.15 21.63 13.74
N SER A 218 23.40 20.84 14.48
CA SER A 218 22.85 21.31 15.74
C SER A 218 23.97 21.51 16.77
N LEU A 219 25.10 20.83 16.58
CA LEU A 219 26.22 20.98 17.51
C LEU A 219 26.91 22.34 17.41
N VAL A 220 26.69 23.06 16.32
CA VAL A 220 27.32 24.36 16.17
C VAL A 220 26.29 25.47 16.05
N LYS A 221 25.07 25.18 16.48
CA LYS A 221 24.03 26.20 16.62
C LYS A 221 23.48 26.23 18.05
N ALA A 222 23.78 27.32 18.77
CA ALA A 222 23.24 27.51 20.10
C ALA A 222 21.78 27.97 20.02
N MSE B 3 -17.61 8.63 18.15
CA MSE B 3 -16.71 8.45 17.02
C MSE B 3 -15.46 9.33 17.17
O MSE B 3 -15.54 10.54 17.33
CB MSE B 3 -17.42 8.71 15.69
CG MSE B 3 -17.19 7.63 14.66
SE MSE B 3 -17.03 5.88 15.51
CE MSE B 3 -16.54 4.81 13.95
N LEU B 4 -14.30 8.67 17.13
CA LEU B 4 -13.01 9.32 17.37
C LEU B 4 -12.11 8.82 16.25
N PRO B 5 -11.04 9.56 15.91
CA PRO B 5 -10.13 8.95 14.92
C PRO B 5 -9.57 7.61 15.42
N THR B 6 -9.24 6.73 14.50
CA THR B 6 -8.70 5.42 14.85
C THR B 6 -7.38 5.18 14.14
N LEU B 7 -6.34 4.91 14.90
CA LEU B 7 -5.08 4.47 14.34
C LEU B 7 -5.25 2.99 13.98
N ARG B 8 -4.96 2.63 12.72
CA ARG B 8 -5.17 1.26 12.21
C ARG B 8 -3.91 0.83 11.46
N THR B 9 -3.39 -0.37 11.76
CA THR B 9 -2.16 -0.80 11.11
C THR B 9 -2.41 -1.61 9.85
N GLY B 10 -3.60 -2.20 9.74
CA GLY B 10 -3.82 -3.29 8.80
C GLY B 10 -2.92 -4.47 9.20
N LEU B 11 -2.83 -5.47 8.33
CA LEU B 11 -1.99 -6.64 8.60
C LEU B 11 -0.51 -6.26 8.54
N VAL B 12 0.26 -6.67 9.54
CA VAL B 12 1.67 -6.36 9.52
C VAL B 12 2.43 -7.46 10.26
N ILE B 13 3.61 -7.84 9.77
CA ILE B 13 4.47 -8.76 10.52
C ILE B 13 4.80 -8.09 11.85
N ALA B 14 4.73 -8.86 12.94
CA ALA B 14 4.91 -8.32 14.28
C ALA B 14 6.21 -7.52 14.40
N ALA B 15 7.26 -7.98 13.72
CA ALA B 15 8.56 -7.29 13.75
C ALA B 15 8.46 -5.85 13.26
N GLY B 16 7.49 -5.57 12.39
CA GLY B 16 7.38 -4.27 11.76
C GLY B 16 6.22 -3.41 12.23
N TYR B 17 5.56 -3.81 13.32
CA TYR B 17 4.38 -3.05 13.73
C TYR B 17 4.73 -1.62 14.13
N ALA B 18 5.91 -1.41 14.71
CA ALA B 18 6.28 -0.10 15.21
C ALA B 18 6.37 0.96 14.13
N ASP B 19 7.03 0.64 13.01
CA ASP B 19 7.12 1.61 11.92
C ASP B 19 5.75 1.87 11.28
N LYS B 20 4.91 0.84 11.22
CA LYS B 20 3.55 1.01 10.71
C LYS B 20 2.73 1.97 11.57
N VAL B 21 2.77 1.78 12.89
CA VAL B 21 2.04 2.63 13.83
C VAL B 21 2.49 4.08 13.64
N ARG B 22 3.80 4.26 13.59
N ARG B 22 3.80 4.27 13.59
CA ARG B 22 4.37 5.59 13.42
CA ARG B 22 4.39 5.60 13.42
C ARG B 22 3.96 6.24 12.10
C ARG B 22 3.95 6.23 12.11
N ARG B 23 4.14 5.51 11.00
CA ARG B 23 3.81 6.05 9.68
C ARG B 23 2.33 6.37 9.53
N VAL B 24 1.47 5.51 10.09
CA VAL B 24 0.04 5.79 10.00
C VAL B 24 -0.32 7.03 10.82
N LEU B 25 0.28 7.15 12.00
CA LEU B 25 -0.04 8.29 12.88
C LEU B 25 0.37 9.62 12.22
N PHE B 26 1.58 9.68 11.65
CA PHE B 26 2.00 10.89 10.92
C PHE B 26 1.06 11.19 9.76
N ALA B 27 0.72 10.19 8.98
CA ALA B 27 -0.16 10.39 7.85
C ALA B 27 -1.51 10.96 8.30
N GLN B 28 -2.08 10.42 9.38
CA GLN B 28 -3.38 10.89 9.84
C GLN B 28 -3.33 12.29 10.43
N LEU B 29 -2.17 12.69 10.93
CA LEU B 29 -2.04 13.98 11.60
C LEU B 29 -1.23 14.97 10.77
N ARG B 30 -1.04 14.66 9.49
CA ARG B 30 -0.24 15.51 8.58
C ARG B 30 -0.73 16.95 8.63
N ASP B 31 -2.06 17.13 8.57
CA ASP B 31 -2.65 18.46 8.54
C ASP B 31 -2.60 19.19 9.89
N ALA B 32 -2.70 18.46 11.00
CA ALA B 32 -2.60 19.08 12.32
C ALA B 32 -1.18 19.58 12.62
N ILE B 33 -0.18 18.88 12.10
CA ILE B 33 1.20 19.31 12.24
C ILE B 33 1.42 20.59 11.45
N LYS B 34 1.12 20.53 10.15
CA LYS B 34 1.23 21.69 9.27
C LYS B 34 0.64 22.93 9.95
N SER B 35 -0.53 22.77 10.53
CA SER B 35 -1.25 23.87 11.13
C SER B 35 -0.83 24.17 12.57
N GLY B 36 0.35 23.68 12.95
CA GLY B 36 0.94 24.01 14.24
C GLY B 36 0.20 23.51 15.47
N GLU B 37 -0.91 22.78 15.28
CA GLU B 37 -1.62 22.18 16.39
C GLU B 37 -0.69 21.24 17.15
N LEU B 38 0.06 20.44 16.40
CA LEU B 38 1.03 19.51 16.97
C LEU B 38 2.38 19.65 16.31
N SER B 39 3.45 19.33 17.03
CA SER B 39 4.78 19.24 16.44
C SER B 39 5.04 17.82 15.93
N ASN B 40 6.09 17.66 15.13
CA ASN B 40 6.52 16.34 14.74
C ASN B 40 6.97 15.53 15.96
N LYS B 41 7.59 16.22 16.91
CA LYS B 41 8.04 15.61 18.15
C LYS B 41 6.87 15.00 18.89
N ASP B 42 5.78 15.76 19.02
CA ASP B 42 4.58 15.27 19.70
C ASP B 42 4.08 13.97 19.10
N VAL B 43 4.00 13.91 17.78
CA VAL B 43 3.50 12.71 17.11
C VAL B 43 4.48 11.55 17.27
N ALA B 44 5.75 11.80 16.96
CA ALA B 44 6.78 10.77 17.12
C ALA B 44 6.77 10.19 18.54
N MSE B 45 6.61 11.06 19.54
CA MSE B 45 6.63 10.61 20.92
C MSE B 45 5.39 9.79 21.26
O MSE B 45 5.46 8.78 21.95
CB MSE B 45 6.72 11.81 21.84
CG MSE B 45 8.14 12.31 22.06
SE MSE B 45 8.09 13.72 23.42
CE MSE B 45 6.55 13.04 24.45
N ALA B 46 4.24 10.23 20.76
CA ALA B 46 3.01 9.51 21.00
C ALA B 46 3.07 8.11 20.38
N ALA B 47 3.53 8.00 19.13
CA ALA B 47 3.72 6.70 18.46
C ALA B 47 4.68 5.81 19.25
N GLY B 48 5.78 6.42 19.70
CA GLY B 48 6.78 5.72 20.50
C GLY B 48 6.24 5.13 21.79
N ASN B 49 5.46 5.93 22.54
CA ASN B 49 4.85 5.45 23.77
C ASN B 49 3.84 4.35 23.52
N LEU B 50 3.00 4.52 22.51
CA LEU B 50 2.09 3.45 22.12
C LEU B 50 2.86 2.18 21.76
N ASN B 51 3.93 2.33 20.97
CA ASN B 51 4.68 1.17 20.53
C ASN B 51 5.26 0.39 21.70
N ARG B 52 5.73 1.13 22.70
CA ARG B 52 6.29 0.52 23.90
C ARG B 52 5.21 -0.32 24.61
N VAL B 53 4.02 0.26 24.76
N VAL B 53 4.02 0.26 24.75
CA VAL B 53 2.92 -0.46 25.42
CA VAL B 53 2.90 -0.43 25.39
C VAL B 53 2.53 -1.71 24.64
C VAL B 53 2.51 -1.69 24.64
N LEU B 54 2.51 -1.62 23.31
CA LEU B 54 2.12 -2.76 22.49
C LEU B 54 3.17 -3.86 22.58
N PHE B 55 4.43 -3.46 22.70
CA PHE B 55 5.49 -4.45 22.88
C PHE B 55 5.23 -5.36 24.10
N GLU B 56 4.86 -4.74 25.21
CA GLU B 56 4.67 -5.49 26.45
C GLU B 56 3.50 -6.47 26.30
N LEU B 57 2.40 -5.98 25.73
CA LEU B 57 1.24 -6.81 25.46
C LEU B 57 1.59 -7.98 24.54
N LEU B 58 2.24 -7.68 23.42
CA LEU B 58 2.60 -8.71 22.44
C LEU B 58 3.55 -9.78 22.98
N VAL B 59 4.58 -9.35 23.70
N VAL B 59 4.62 -9.37 23.67
CA VAL B 59 5.64 -10.26 24.12
CA VAL B 59 5.61 -10.34 24.11
C VAL B 59 5.35 -10.96 25.45
C VAL B 59 5.25 -11.01 25.43
N ASN B 60 4.71 -10.26 26.38
CA ASN B 60 4.37 -10.84 27.68
C ASN B 60 3.06 -11.59 27.72
N LYS B 61 2.02 -10.99 27.17
CA LYS B 61 0.67 -11.49 27.36
C LYS B 61 0.19 -12.33 26.19
N LEU B 62 0.45 -11.87 24.97
CA LEU B 62 -0.03 -12.61 23.81
C LEU B 62 0.99 -13.62 23.34
N LYS B 63 2.22 -13.47 23.82
CA LYS B 63 3.31 -14.34 23.39
C LYS B 63 3.44 -14.42 21.86
N ALA B 64 3.36 -13.27 21.20
CA ALA B 64 3.50 -13.19 19.76
C ALA B 64 4.98 -13.29 19.37
N ASP B 65 5.26 -14.04 18.32
CA ASP B 65 6.61 -14.11 17.79
C ASP B 65 6.80 -12.96 16.81
N LYS B 66 8.04 -12.58 16.57
CA LYS B 66 8.31 -11.45 15.70
C LYS B 66 7.91 -11.74 14.24
N LEU B 67 7.78 -13.03 13.89
CA LEU B 67 7.36 -13.43 12.56
C LEU B 67 5.86 -13.76 12.47
N ASP B 68 5.13 -13.53 13.55
CA ASP B 68 3.67 -13.65 13.50
C ASP B 68 3.07 -12.42 12.82
N VAL B 69 1.77 -12.46 12.55
CA VAL B 69 1.07 -11.32 11.94
C VAL B 69 0.13 -10.71 12.96
N VAL B 70 0.10 -9.39 13.01
CA VAL B 70 -0.84 -8.69 13.89
C VAL B 70 -1.60 -7.65 13.08
N ARG B 71 -2.72 -7.21 13.65
CA ARG B 71 -3.44 -6.07 13.13
C ARG B 71 -3.96 -5.39 14.36
N ILE B 72 -3.67 -4.10 14.46
CA ILE B 72 -3.96 -3.37 15.68
C ILE B 72 -4.79 -2.12 15.40
N GLN B 73 -5.71 -1.81 16.29
CA GLN B 73 -6.34 -0.50 16.19
C GLN B 73 -6.66 0.09 17.55
N ILE B 74 -6.71 1.41 17.60
CA ILE B 74 -6.98 2.12 18.84
C ILE B 74 -7.37 3.54 18.50
N ASP B 75 -8.34 4.06 19.24
CA ASP B 75 -8.81 5.42 19.06
C ASP B 75 -7.95 6.40 19.81
N TYR B 76 -7.97 7.64 19.36
CA TYR B 76 -7.21 8.66 20.05
C TYR B 76 -7.85 10.03 19.85
N GLU B 77 -7.46 10.99 20.68
CA GLU B 77 -7.82 12.37 20.41
C GLU B 77 -6.65 13.29 20.71
N VAL B 78 -6.76 14.53 20.27
CA VAL B 78 -5.75 15.53 20.57
C VAL B 78 -6.33 16.53 21.58
N ARG B 79 -5.73 16.57 22.75
CA ARG B 79 -6.12 17.51 23.81
C ARG B 79 -4.96 18.42 24.10
N ASP B 80 -5.17 19.72 23.98
CA ASP B 80 -4.16 20.69 24.37
C ASP B 80 -2.81 20.36 23.74
N SER B 81 -2.82 20.07 22.45
CA SER B 81 -1.60 19.80 21.69
C SER B 81 -0.90 18.49 22.08
N GLN B 82 -1.61 17.60 22.75
CA GLN B 82 -1.05 16.27 23.07
C GLN B 82 -1.99 15.15 22.67
N ILE B 83 -1.44 14.13 22.01
CA ILE B 83 -2.21 12.97 21.63
C ILE B 83 -2.53 12.11 22.86
N GLN B 84 -3.80 11.73 23.01
CA GLN B 84 -4.20 10.85 24.10
C GLN B 84 -4.89 9.62 23.53
N PHE B 85 -4.34 8.45 23.84
CA PHE B 85 -4.93 7.19 23.37
C PHE B 85 -6.04 6.71 24.30
N ASP B 86 -7.07 6.10 23.75
CA ASP B 86 -8.16 5.55 24.56
C ASP B 86 -8.01 4.03 24.60
N PHE B 87 -7.37 3.51 25.65
CA PHE B 87 -7.05 2.09 25.70
C PHE B 87 -8.26 1.16 25.86
N SER B 88 -9.42 1.73 26.14
CA SER B 88 -10.65 0.95 26.19
C SER B 88 -11.05 0.50 24.79
N THR B 89 -10.47 1.14 23.77
CA THR B 89 -10.80 0.82 22.40
C THR B 89 -9.70 0.03 21.69
N LEU B 90 -8.65 -0.33 22.41
CA LEU B 90 -7.56 -1.10 21.82
C LEU B 90 -8.08 -2.42 21.30
N ARG B 91 -7.88 -2.72 20.02
CA ARG B 91 -8.13 -4.06 19.52
C ARG B 91 -6.90 -4.64 18.85
N VAL B 92 -6.58 -5.87 19.21
CA VAL B 92 -5.47 -6.57 18.61
C VAL B 92 -5.90 -7.92 18.08
N GLU B 93 -5.56 -8.20 16.82
CA GLU B 93 -5.79 -9.52 16.24
C GLU B 93 -4.42 -10.13 16.01
N LEU B 94 -4.33 -11.45 16.17
CA LEU B 94 -3.05 -12.13 16.05
C LEU B 94 -3.23 -13.39 15.23
N TRP B 95 -2.29 -13.64 14.33
CA TRP B 95 -2.24 -14.89 13.57
C TRP B 95 -0.88 -15.48 13.79
N ARG B 96 -0.84 -16.76 14.14
CA ARG B 96 0.41 -17.42 14.49
C ARG B 96 0.98 -18.15 13.29
N ARG B 97 2.26 -17.94 13.01
CA ARG B 97 2.88 -18.56 11.85
C ARG B 97 2.91 -20.09 11.93
N VAL B 98 2.49 -20.75 10.86
CA VAL B 98 2.71 -22.18 10.76
C VAL B 98 4.16 -22.33 10.34
N PRO B 99 4.93 -23.13 11.09
CA PRO B 99 6.35 -23.30 10.78
C PRO B 99 6.56 -23.68 9.33
N GLU B 100 7.57 -23.10 8.71
CA GLU B 100 7.94 -23.42 7.34
C GLU B 100 8.18 -24.93 7.15
N GLU B 101 8.81 -25.56 8.14
CA GLU B 101 9.08 -27.00 8.12
C GLU B 101 7.83 -27.86 7.91
N GLU B 102 6.68 -27.38 8.37
CA GLU B 102 5.42 -28.10 8.21
C GLU B 102 4.72 -27.76 6.89
N ILE B 103 4.82 -26.50 6.47
CA ILE B 103 4.19 -26.05 5.22
C ILE B 103 4.91 -26.49 3.94
N ALA B 104 6.24 -26.41 3.96
CA ALA B 104 7.06 -26.59 2.76
C ALA B 104 6.92 -27.94 2.06
N PRO B 105 6.97 -29.07 2.81
CA PRO B 105 6.76 -30.37 2.18
C PRO B 105 5.41 -30.47 1.44
N ILE B 106 4.37 -29.90 2.04
CA ILE B 106 3.04 -29.91 1.43
C ILE B 106 3.03 -29.09 0.14
N VAL B 107 3.56 -27.86 0.20
CA VAL B 107 3.62 -27.01 -0.98
C VAL B 107 4.49 -27.64 -2.07
N GLU B 108 5.67 -28.13 -1.68
CA GLU B 108 6.59 -28.78 -2.61
C GLU B 108 5.99 -29.97 -3.35
N ASP B 109 5.33 -30.87 -2.62
CA ASP B 109 4.66 -32.00 -3.25
C ASP B 109 3.58 -31.54 -4.24
N PHE B 110 2.68 -30.66 -3.78
CA PHE B 110 1.62 -30.12 -4.62
C PHE B 110 2.15 -29.41 -5.88
N ALA B 111 3.23 -28.66 -5.71
CA ALA B 111 3.85 -27.93 -6.81
C ALA B 111 4.21 -28.85 -7.97
N ARG B 112 4.46 -30.12 -7.66
CA ARG B 112 4.82 -31.10 -8.68
C ARG B 112 3.62 -31.42 -9.56
N ALA B 113 2.42 -31.39 -8.99
CA ALA B 113 1.22 -31.75 -9.72
C ALA B 113 0.51 -30.53 -10.32
N ALA B 114 0.85 -29.35 -9.82
CA ALA B 114 0.17 -28.13 -10.23
C ALA B 114 0.04 -28.00 -11.74
N PRO B 115 1.15 -28.20 -12.48
CA PRO B 115 1.12 -27.99 -13.93
C PRO B 115 0.06 -28.83 -14.64
N ARG B 116 -0.09 -30.09 -14.24
CA ARG B 116 -1.10 -30.96 -14.83
C ARG B 116 -2.48 -30.36 -14.55
N LEU B 117 -2.69 -30.03 -13.28
CA LEU B 117 -3.97 -29.52 -12.82
C LEU B 117 -4.36 -28.19 -13.48
N LEU B 118 -3.36 -27.43 -13.92
CA LEU B 118 -3.57 -26.08 -14.42
C LEU B 118 -4.57 -26.02 -15.57
N GLU B 119 -4.45 -26.94 -16.51
CA GLU B 119 -5.21 -26.86 -17.76
C GLU B 119 -6.49 -27.70 -17.74
N GLU B 120 -6.55 -28.65 -16.81
CA GLU B 120 -7.66 -29.58 -16.69
C GLU B 120 -9.02 -28.90 -16.53
N GLU B 121 -10.06 -29.49 -17.11
CA GLU B 121 -11.40 -28.92 -17.03
C GLU B 121 -12.01 -29.08 -15.64
N ILE B 122 -12.63 -28.03 -15.14
CA ILE B 122 -13.30 -28.07 -13.85
C ILE B 122 -14.68 -28.71 -13.96
N ARG B 123 -14.94 -29.71 -13.13
CA ARG B 123 -16.24 -30.35 -13.16
C ARG B 123 -17.22 -29.73 -12.16
N PHE B 124 -18.36 -29.28 -12.67
CA PHE B 124 -19.40 -28.72 -11.82
C PHE B 124 -20.65 -29.60 -11.85
N THR B 125 -21.48 -29.52 -10.81
CA THR B 125 -22.80 -30.13 -10.84
C THR B 125 -23.84 -29.03 -10.56
N VAL B 126 -25.11 -29.30 -10.84
CA VAL B 126 -26.16 -28.33 -10.53
C VAL B 126 -27.28 -28.89 -9.68
N GLU B 127 -28.00 -27.99 -9.04
CA GLU B 127 -29.22 -28.32 -8.31
C GLU B 127 -30.26 -27.27 -8.65
N LYS B 128 -31.41 -27.70 -9.18
CA LYS B 128 -32.43 -26.74 -9.57
C LYS B 128 -32.95 -26.02 -8.35
N VAL B 129 -33.06 -24.70 -8.42
CA VAL B 129 -33.68 -23.96 -7.32
C VAL B 129 -35.15 -23.74 -7.64
N GLY B 130 -35.44 -23.13 -8.79
CA GLY B 130 -36.82 -22.99 -9.24
C GLY B 130 -37.04 -21.78 -10.12
N GLU B 131 -38.31 -21.47 -10.37
CA GLU B 131 -38.67 -20.37 -11.25
C GLU B 131 -38.59 -19.03 -10.56
N THR B 132 -38.23 -18.00 -11.32
CA THR B 132 -38.35 -16.63 -10.86
C THR B 132 -39.78 -16.16 -11.11
N ASP B 133 -40.10 -14.95 -10.68
CA ASP B 133 -41.43 -14.41 -10.95
C ASP B 133 -41.80 -14.41 -12.44
N VAL B 134 -40.87 -14.05 -13.31
CA VAL B 134 -41.23 -14.03 -14.74
C VAL B 134 -41.04 -15.37 -15.45
N GLY B 135 -40.48 -16.36 -14.77
CA GLY B 135 -40.38 -17.69 -15.34
C GLY B 135 -39.01 -18.12 -15.87
N ASP B 136 -37.95 -17.39 -15.53
CA ASP B 136 -36.60 -17.93 -15.73
C ASP B 136 -36.46 -19.04 -14.71
N VAL B 137 -35.49 -19.92 -14.92
CA VAL B 137 -35.23 -20.98 -13.95
C VAL B 137 -33.82 -20.82 -13.41
N VAL B 138 -33.69 -20.88 -12.09
CA VAL B 138 -32.40 -20.69 -11.42
C VAL B 138 -31.86 -22.02 -10.93
N TYR B 139 -30.56 -22.25 -11.11
CA TYR B 139 -29.88 -23.43 -10.56
C TYR B 139 -28.72 -23.02 -9.68
N ARG B 140 -28.48 -23.76 -8.60
CA ARG B 140 -27.21 -23.61 -7.87
C ARG B 140 -26.17 -24.45 -8.58
N ILE B 141 -24.94 -23.96 -8.59
CA ILE B 141 -23.83 -24.69 -9.17
C ILE B 141 -22.96 -25.12 -8.01
N MSE B 142 -22.49 -26.35 -8.05
CA MSE B 142 -21.67 -26.86 -6.99
C MSE B 142 -20.36 -27.40 -7.53
O MSE B 142 -20.30 -27.83 -8.68
CB MSE B 142 -22.44 -27.94 -6.23
CG MSE B 142 -23.82 -27.44 -5.79
SE MSE B 142 -24.93 -28.86 -5.14
CE MSE B 142 -25.06 -29.89 -6.80
N TYR B 143 -19.33 -27.32 -6.70
CA TYR B 143 -18.03 -27.91 -6.98
C TYR B 143 -17.71 -28.85 -5.83
N ARG B 144 -17.38 -30.10 -6.15
CA ARG B 144 -17.12 -31.13 -5.14
C ARG B 144 -18.19 -31.16 -4.05
N GLY B 145 -19.46 -31.04 -4.45
CA GLY B 145 -20.56 -31.11 -3.49
C GLY B 145 -20.79 -29.85 -2.67
N SER B 146 -20.07 -28.78 -2.99
CA SER B 146 -20.23 -27.53 -2.27
C SER B 146 -20.76 -26.41 -3.17
N ASP B 147 -21.64 -25.56 -2.64
CA ASP B 147 -22.22 -24.46 -3.41
C ASP B 147 -21.16 -23.43 -3.76
N VAL B 148 -20.99 -23.17 -5.05
CA VAL B 148 -20.00 -22.19 -5.49
C VAL B 148 -20.59 -21.14 -6.44
N GLY B 149 -21.81 -21.37 -6.91
CA GLY B 149 -22.39 -20.42 -7.84
C GLY B 149 -23.86 -20.60 -8.18
N ALA B 150 -24.27 -19.94 -9.25
CA ALA B 150 -25.65 -20.00 -9.70
C ALA B 150 -25.73 -19.70 -11.20
N LEU B 151 -26.80 -20.19 -11.79
CA LEU B 151 -27.00 -20.14 -13.21
C LEU B 151 -28.45 -19.77 -13.41
N ILE B 152 -28.74 -18.94 -14.39
CA ILE B 152 -30.12 -18.60 -14.66
C ILE B 152 -30.42 -18.83 -16.13
N VAL B 153 -31.52 -19.54 -16.38
CA VAL B 153 -31.88 -19.94 -17.72
C VAL B 153 -33.24 -19.36 -18.08
N THR B 154 -33.31 -18.70 -19.23
CA THR B 154 -34.55 -18.08 -19.69
C THR B 154 -35.04 -18.86 -20.89
N PRO B 155 -36.13 -19.61 -20.73
CA PRO B 155 -36.65 -20.35 -21.88
C PRO B 155 -37.20 -19.42 -22.94
N LEU B 156 -36.83 -19.67 -24.18
CA LEU B 156 -37.43 -19.01 -25.32
C LEU B 156 -38.17 -20.06 -26.14
N ASN B 157 -38.35 -19.79 -27.42
CA ASN B 157 -39.03 -20.69 -28.34
C ASN B 157 -38.02 -21.67 -29.00
N GLY B 158 -37.91 -22.89 -28.48
CA GLY B 158 -36.88 -23.82 -28.94
C GLY B 158 -35.45 -23.40 -28.60
N GLU B 159 -35.32 -22.30 -27.87
CA GLU B 159 -34.01 -21.77 -27.47
C GLU B 159 -34.02 -21.44 -25.99
N ALA B 160 -32.84 -21.17 -25.43
CA ALA B 160 -32.75 -20.66 -24.07
C ALA B 160 -31.56 -19.72 -23.91
N LEU B 161 -31.73 -18.67 -23.12
CA LEU B 161 -30.62 -17.83 -22.69
C LEU B 161 -30.05 -18.39 -21.39
N VAL B 162 -28.74 -18.53 -21.32
CA VAL B 162 -28.13 -19.02 -20.09
C VAL B 162 -27.02 -18.07 -19.68
N ARG B 163 -26.96 -17.76 -18.39
CA ARG B 163 -25.83 -17.01 -17.84
C ARG B 163 -25.67 -17.38 -16.39
N GLY B 164 -24.51 -17.03 -15.82
CA GLY B 164 -24.28 -17.39 -14.43
C GLY B 164 -22.86 -17.10 -14.02
N ALA B 165 -22.50 -17.59 -12.85
CA ALA B 165 -21.18 -17.33 -12.30
C ALA B 165 -20.84 -18.38 -11.26
N VAL B 166 -19.54 -18.59 -11.06
CA VAL B 166 -19.05 -19.36 -9.92
C VAL B 166 -17.91 -18.59 -9.27
N VAL B 167 -17.78 -18.74 -7.97
CA VAL B 167 -16.76 -18.04 -7.21
C VAL B 167 -15.55 -18.93 -6.96
N GLU B 168 -15.77 -20.24 -6.92
CA GLU B 168 -14.72 -21.22 -6.67
C GLU B 168 -14.85 -22.37 -7.66
N PRO B 169 -13.75 -23.08 -7.96
CA PRO B 169 -12.39 -22.92 -7.44
C PRO B 169 -11.61 -21.72 -8.00
N THR B 170 -12.18 -21.01 -8.96
CA THR B 170 -11.61 -19.75 -9.45
C THR B 170 -12.81 -18.97 -9.98
N PRO B 171 -12.80 -17.62 -9.87
CA PRO B 171 -14.03 -16.90 -10.24
C PRO B 171 -14.26 -16.85 -11.76
N LEU B 172 -15.44 -17.30 -12.18
CA LEU B 172 -15.80 -17.35 -13.58
C LEU B 172 -17.17 -16.73 -13.79
N LEU B 173 -17.29 -16.04 -14.92
CA LEU B 173 -18.54 -15.41 -15.30
C LEU B 173 -18.94 -15.94 -16.68
N LEU B 174 -20.11 -16.59 -16.73
CA LEU B 174 -20.64 -17.06 -17.99
C LEU B 174 -21.57 -15.99 -18.52
N LYS B 175 -21.15 -15.31 -19.58
CA LYS B 175 -21.94 -14.23 -20.15
C LYS B 175 -23.19 -14.78 -20.87
N ARG B 176 -24.14 -13.90 -21.15
CA ARG B 176 -25.36 -14.28 -21.85
C ARG B 176 -25.06 -15.13 -23.09
N THR B 177 -25.59 -16.36 -23.10
CA THR B 177 -25.33 -17.33 -24.16
C THR B 177 -26.66 -17.93 -24.63
N ARG B 178 -26.88 -17.93 -25.94
CA ARG B 178 -28.12 -18.44 -26.52
C ARG B 178 -27.91 -19.84 -27.09
N VAL B 179 -28.55 -20.83 -26.48
CA VAL B 179 -28.37 -22.23 -26.89
C VAL B 179 -29.66 -22.81 -27.46
N GLN B 180 -29.53 -23.74 -28.39
CA GLN B 180 -30.69 -24.44 -28.95
C GLN B 180 -31.08 -25.61 -28.07
N VAL B 181 -32.27 -25.56 -27.51
CA VAL B 181 -32.73 -26.61 -26.61
C VAL B 181 -34.24 -26.47 -26.45
N GLU B 182 -34.93 -27.62 -26.38
CA GLU B 182 -36.35 -27.63 -26.17
C GLU B 182 -36.65 -27.45 -24.68
N ALA B 183 -37.74 -26.77 -24.38
CA ALA B 183 -38.05 -26.40 -22.99
C ALA B 183 -38.09 -27.58 -22.03
N ASP B 184 -38.60 -28.72 -22.51
CA ASP B 184 -38.70 -29.92 -21.66
C ASP B 184 -37.35 -30.59 -21.47
N ARG B 185 -36.33 -30.09 -22.16
CA ARG B 185 -35.00 -30.69 -22.09
C ARG B 185 -34.01 -29.84 -21.32
N ILE B 186 -34.48 -28.73 -20.76
CA ILE B 186 -33.58 -27.74 -20.16
C ILE B 186 -32.84 -28.29 -18.93
N ASP B 187 -33.55 -29.00 -18.06
CA ASP B 187 -32.93 -29.54 -16.86
C ASP B 187 -31.80 -30.47 -17.24
N ASP B 188 -32.08 -31.35 -18.19
CA ASP B 188 -31.09 -32.31 -18.66
C ASP B 188 -29.93 -31.61 -19.35
N PHE B 189 -30.25 -30.61 -20.15
CA PHE B 189 -29.21 -29.87 -20.84
C PHE B 189 -28.25 -29.23 -19.84
N VAL B 190 -28.81 -28.59 -18.81
CA VAL B 190 -27.97 -27.91 -17.83
C VAL B 190 -27.07 -28.88 -17.07
N ARG B 191 -27.64 -30.00 -16.64
CA ARG B 191 -26.86 -30.95 -15.83
C ARG B 191 -25.77 -31.56 -16.69
N GLU B 192 -26.03 -31.59 -17.99
CA GLU B 192 -25.16 -32.21 -18.98
C GLU B 192 -24.05 -31.27 -19.45
N SER B 193 -24.30 -29.97 -19.42
CA SER B 193 -23.42 -29.03 -20.11
C SER B 193 -22.78 -27.95 -19.23
N VAL B 194 -23.12 -27.94 -17.93
CA VAL B 194 -22.65 -26.86 -17.08
C VAL B 194 -21.10 -26.75 -17.10
N SER B 195 -20.41 -27.88 -17.03
CA SER B 195 -18.94 -27.86 -17.04
C SER B 195 -18.40 -27.38 -18.39
N ARG B 196 -19.03 -27.84 -19.46
CA ARG B 196 -18.63 -27.43 -20.81
C ARG B 196 -18.83 -25.94 -21.00
N LEU B 197 -19.99 -25.42 -20.61
CA LEU B 197 -20.24 -23.98 -20.67
C LEU B 197 -19.19 -23.16 -19.90
N PHE B 198 -18.87 -23.57 -18.68
CA PHE B 198 -17.95 -22.78 -17.87
C PHE B 198 -16.49 -22.91 -18.29
N SER B 199 -16.20 -23.94 -19.09
CA SER B 199 -14.84 -24.15 -19.57
C SER B 199 -14.40 -22.99 -20.45
N GLU B 200 -15.36 -22.22 -20.95
CA GLU B 200 -15.03 -21.02 -21.72
C GLU B 200 -15.63 -19.75 -21.12
N ALA B 201 -15.93 -19.79 -19.83
CA ALA B 201 -16.43 -18.61 -19.14
C ALA B 201 -15.31 -17.60 -18.95
N GLN B 202 -15.65 -16.39 -18.56
CA GLN B 202 -14.68 -15.30 -18.39
C GLN B 202 -14.02 -15.34 -17.00
N ASN B 203 -12.70 -15.24 -16.95
CA ASN B 203 -12.01 -15.11 -15.66
C ASN B 203 -12.20 -13.72 -15.09
N VAL B 204 -12.80 -13.67 -13.91
CA VAL B 204 -13.14 -12.38 -13.32
C VAL B 204 -12.63 -12.26 -11.89
N GLU B 205 -12.81 -11.08 -11.31
CA GLU B 205 -12.61 -10.93 -9.87
C GLU B 205 -13.65 -11.70 -9.09
N LYS B 206 -13.24 -12.20 -7.94
CA LYS B 206 -14.13 -12.89 -7.03
C LYS B 206 -15.28 -11.99 -6.63
N ARG B 207 -15.03 -10.71 -6.37
CA ARG B 207 -16.12 -9.82 -5.98
C ARG B 207 -17.18 -9.65 -7.08
N GLU B 208 -16.77 -9.69 -8.35
CA GLU B 208 -17.71 -9.61 -9.45
C GLU B 208 -18.61 -10.84 -9.45
N ALA B 209 -17.99 -12.02 -9.40
CA ALA B 209 -18.73 -13.27 -9.40
C ALA B 209 -19.69 -13.35 -8.22
N VAL B 210 -19.27 -12.88 -7.05
CA VAL B 210 -20.12 -12.90 -5.86
C VAL B 210 -21.38 -12.08 -6.09
N ARG B 211 -21.21 -10.88 -6.65
CA ARG B 211 -22.34 -9.99 -6.89
C ARG B 211 -23.32 -10.63 -7.87
N VAL B 212 -22.79 -11.32 -8.87
CA VAL B 212 -23.64 -11.94 -9.88
C VAL B 212 -24.41 -13.13 -9.31
N VAL B 213 -23.72 -13.97 -8.55
CA VAL B 213 -24.37 -15.11 -7.89
C VAL B 213 -25.51 -14.64 -6.96
N ASN B 214 -25.24 -13.61 -6.17
CA ASN B 214 -26.28 -13.06 -5.29
C ASN B 214 -27.45 -12.42 -6.05
N GLU B 215 -27.14 -11.65 -7.08
CA GLU B 215 -28.18 -11.12 -7.95
C GLU B 215 -29.12 -12.25 -8.43
N ILE B 216 -28.54 -13.36 -8.88
CA ILE B 216 -29.32 -14.47 -9.44
C ILE B 216 -30.14 -15.21 -8.38
N LEU B 217 -29.49 -15.59 -7.28
CA LEU B 217 -30.18 -16.29 -6.21
C LEU B 217 -31.26 -15.43 -5.55
N SER B 218 -31.07 -14.11 -5.53
CA SER B 218 -32.08 -13.25 -4.91
C SER B 218 -33.39 -13.28 -5.70
N LEU B 219 -33.33 -13.64 -6.98
CA LEU B 219 -34.54 -13.73 -7.80
C LEU B 219 -35.46 -14.88 -7.36
N VAL B 220 -34.94 -15.81 -6.56
CA VAL B 220 -35.71 -16.95 -6.13
C VAL B 220 -35.64 -17.16 -4.61
N LYS B 221 -35.18 -16.15 -3.88
CA LYS B 221 -35.06 -16.26 -2.43
C LYS B 221 -35.88 -15.21 -1.70
N GLY C 1 20.39 -17.68 -17.10
CA GLY C 1 19.73 -16.50 -17.61
C GLY C 1 19.46 -15.45 -16.53
N ALA C 2 18.73 -14.41 -16.90
CA ALA C 2 18.39 -13.35 -15.97
C ALA C 2 17.32 -13.82 -14.97
N MSE C 3 17.30 -13.19 -13.80
CA MSE C 3 16.29 -13.50 -12.81
C MSE C 3 14.90 -13.12 -13.33
O MSE C 3 14.73 -12.08 -13.99
CB MSE C 3 16.59 -12.72 -11.53
CG MSE C 3 15.55 -12.87 -10.44
SE MSE C 3 15.86 -11.57 -8.99
CE MSE C 3 14.63 -10.15 -9.59
N LEU C 4 13.91 -13.93 -13.00
CA LEU C 4 12.57 -13.75 -13.50
C LEU C 4 11.77 -12.79 -12.62
N PRO C 5 10.74 -12.15 -13.19
CA PRO C 5 9.81 -11.40 -12.35
C PRO C 5 9.10 -12.35 -11.39
N THR C 6 8.66 -11.82 -10.24
CA THR C 6 7.97 -12.60 -9.23
C THR C 6 6.63 -11.98 -8.90
N LEU C 7 5.58 -12.79 -8.96
CA LEU C 7 4.28 -12.35 -8.50
C LEU C 7 4.28 -12.51 -6.97
N ARG C 8 3.98 -11.43 -6.25
CA ARG C 8 3.98 -11.43 -4.77
C ARG C 8 2.70 -10.81 -4.26
N THR C 9 2.01 -11.46 -3.33
CA THR C 9 0.73 -10.95 -2.86
C THR C 9 0.88 -10.01 -1.66
N GLY C 10 2.02 -10.09 -0.95
CA GLY C 10 2.10 -9.51 0.37
C GLY C 10 1.14 -10.26 1.32
N LEU C 11 0.97 -9.76 2.53
CA LEU C 11 0.08 -10.37 3.50
C LEU C 11 -1.33 -10.14 3.02
N VAL C 12 -2.14 -11.20 3.02
CA VAL C 12 -3.54 -11.03 2.66
C VAL C 12 -4.44 -12.02 3.41
N ILE C 13 -5.64 -11.59 3.81
CA ILE C 13 -6.58 -12.53 4.42
C ILE C 13 -6.90 -13.62 3.38
N ALA C 14 -6.99 -14.87 3.80
CA ALA C 14 -7.07 -15.96 2.84
C ALA C 14 -8.23 -15.77 1.86
N ALA C 15 -9.37 -15.30 2.35
CA ALA C 15 -10.55 -15.16 1.50
C ALA C 15 -10.33 -14.19 0.34
N GLY C 16 -9.26 -13.42 0.40
CA GLY C 16 -9.06 -12.41 -0.62
C GLY C 16 -7.88 -12.67 -1.51
N TYR C 17 -7.29 -13.87 -1.40
CA TYR C 17 -6.07 -14.15 -2.14
C TYR C 17 -6.30 -14.08 -3.66
N ALA C 18 -7.44 -14.55 -4.16
CA ALA C 18 -7.61 -14.65 -5.61
C ALA C 18 -7.58 -13.26 -6.27
N ASP C 19 -8.27 -12.30 -5.67
CA ASP C 19 -8.30 -10.96 -6.23
C ASP C 19 -6.98 -10.23 -6.04
N LYS C 20 -6.24 -10.54 -4.99
CA LYS C 20 -4.90 -9.96 -4.81
C LYS C 20 -3.99 -10.48 -5.92
N VAL C 21 -4.04 -11.79 -6.14
CA VAL C 21 -3.27 -12.42 -7.19
C VAL C 21 -3.57 -11.78 -8.55
N ARG C 22 -4.86 -11.66 -8.87
CA ARG C 22 -5.28 -11.10 -10.15
C ARG C 22 -4.84 -9.63 -10.26
N ARG C 23 -5.04 -8.86 -9.21
CA ARG C 23 -4.70 -7.44 -9.29
C ARG C 23 -3.21 -7.17 -9.45
N VAL C 24 -2.39 -7.93 -8.72
CA VAL C 24 -0.95 -7.79 -8.81
C VAL C 24 -0.43 -8.20 -10.19
N LEU C 25 -0.98 -9.28 -10.75
CA LEU C 25 -0.53 -9.75 -12.07
C LEU C 25 -0.86 -8.71 -13.14
N PHE C 26 -2.05 -8.14 -13.05
CA PHE C 26 -2.43 -7.10 -14.00
C PHE C 26 -1.54 -5.87 -13.86
N ALA C 27 -1.22 -5.48 -12.63
CA ALA C 27 -0.36 -4.31 -12.41
C ALA C 27 1.02 -4.53 -12.99
N GLN C 28 1.56 -5.75 -12.81
CA GLN C 28 2.89 -6.07 -13.30
C GLN C 28 2.96 -6.20 -14.82
N LEU C 29 1.84 -6.55 -15.43
CA LEU C 29 1.82 -6.83 -16.87
C LEU C 29 1.07 -5.76 -17.66
N ARG C 30 0.82 -4.63 -17.01
CA ARG C 30 0.11 -3.52 -17.64
C ARG C 30 0.80 -3.05 -18.92
N ASP C 31 2.13 -2.97 -18.89
CA ASP C 31 2.88 -2.51 -20.04
C ASP C 31 2.91 -3.53 -21.18
N ALA C 32 3.05 -4.80 -20.82
CA ALA C 32 3.04 -5.86 -21.82
C ALA C 32 1.70 -5.86 -22.56
N ILE C 33 0.64 -5.52 -21.83
CA ILE C 33 -0.71 -5.45 -22.39
C ILE C 33 -0.88 -4.24 -23.32
N LYS C 34 -0.49 -3.07 -22.84
CA LYS C 34 -0.61 -1.85 -23.62
C LYS C 34 0.27 -1.91 -24.87
N SER C 35 1.40 -2.63 -24.79
CA SER C 35 2.29 -2.76 -25.94
C SER C 35 1.77 -3.74 -27.02
N GLY C 36 0.78 -4.56 -26.67
CA GLY C 36 0.29 -5.56 -27.60
C GLY C 36 0.96 -6.91 -27.45
N GLU C 37 1.93 -6.99 -26.54
CA GLU C 37 2.63 -8.24 -26.28
C GLU C 37 1.71 -9.30 -25.66
N LEU C 38 0.76 -8.82 -24.86
CA LEU C 38 -0.24 -9.68 -24.21
C LEU C 38 -1.60 -9.01 -24.28
N SER C 39 -2.66 -9.81 -24.26
CA SER C 39 -4.02 -9.27 -24.16
C SER C 39 -4.51 -9.35 -22.72
N ASN C 40 -5.54 -8.57 -22.42
CA ASN C 40 -6.19 -8.66 -21.13
C ASN C 40 -6.61 -10.11 -20.88
N LYS C 41 -7.05 -10.78 -21.93
CA LYS C 41 -7.53 -12.17 -21.83
C LYS C 41 -6.42 -13.10 -21.36
N ASP C 42 -5.25 -12.96 -21.97
CA ASP C 42 -4.06 -13.73 -21.61
C ASP C 42 -3.80 -13.63 -20.12
N VAL C 43 -3.73 -12.40 -19.63
CA VAL C 43 -3.45 -12.14 -18.23
C VAL C 43 -4.58 -12.66 -17.32
N ALA C 44 -5.84 -12.44 -17.72
CA ALA C 44 -6.97 -12.89 -16.92
C ALA C 44 -6.95 -14.40 -16.76
N MSE C 45 -6.59 -15.11 -17.82
CA MSE C 45 -6.56 -16.57 -17.79
C MSE C 45 -5.40 -17.10 -16.99
O MSE C 45 -5.54 -18.09 -16.26
CB MSE C 45 -6.49 -17.14 -19.20
CG MSE C 45 -7.79 -17.00 -19.97
SE MSE C 45 -7.50 -17.64 -21.80
CE MSE C 45 -6.21 -19.06 -21.40
N ALA C 46 -4.25 -16.47 -17.15
CA ALA C 46 -3.09 -16.82 -16.34
C ALA C 46 -3.41 -16.71 -14.85
N ALA C 47 -3.99 -15.59 -14.47
CA ALA C 47 -4.32 -15.37 -13.06
C ALA C 47 -5.39 -16.34 -12.59
N GLY C 48 -6.40 -16.57 -13.43
CA GLY C 48 -7.47 -17.50 -13.09
C GLY C 48 -6.99 -18.93 -12.91
N ASN C 49 -6.15 -19.40 -13.84
CA ASN C 49 -5.51 -20.71 -13.70
C ASN C 49 -4.66 -20.82 -12.44
N LEU C 50 -3.86 -19.81 -12.15
CA LEU C 50 -3.07 -19.84 -10.93
C LEU C 50 -4.02 -19.93 -9.75
N ASN C 51 -5.07 -19.11 -9.77
CA ASN C 51 -6.00 -19.08 -8.65
C ASN C 51 -6.67 -20.44 -8.43
N ARG C 52 -6.94 -21.13 -9.54
CA ARG C 52 -7.59 -22.43 -9.48
C ARG C 52 -6.70 -23.41 -8.72
N VAL C 53 -5.43 -23.40 -9.06
CA VAL C 53 -4.44 -24.25 -8.40
C VAL C 53 -4.26 -23.88 -6.94
N LEU C 54 -4.19 -22.59 -6.66
CA LEU C 54 -4.02 -22.11 -5.30
C LEU C 54 -5.22 -22.50 -4.44
N PHE C 55 -6.40 -22.54 -5.06
CA PHE C 55 -7.57 -22.93 -4.30
C PHE C 55 -7.37 -24.34 -3.71
N GLU C 56 -6.87 -25.26 -4.51
CA GLU C 56 -6.69 -26.63 -4.03
C GLU C 56 -5.62 -26.70 -2.94
N LEU C 57 -4.55 -25.95 -3.11
CA LEU C 57 -3.47 -25.94 -2.12
C LEU C 57 -3.93 -25.33 -0.80
N LEU C 58 -4.49 -24.14 -0.87
CA LEU C 58 -4.80 -23.38 0.34
C LEU C 58 -5.95 -23.98 1.12
N VAL C 59 -7.04 -24.24 0.42
CA VAL C 59 -8.27 -24.65 1.06
C VAL C 59 -8.29 -26.14 1.37
N ASN C 60 -7.77 -26.97 0.46
CA ASN C 60 -7.83 -28.41 0.68
C ASN C 60 -6.57 -29.05 1.27
N LYS C 61 -5.40 -28.56 0.90
CA LYS C 61 -4.13 -29.18 1.34
C LYS C 61 -3.62 -28.57 2.64
N LEU C 62 -3.61 -27.25 2.74
CA LEU C 62 -3.08 -26.60 3.93
C LEU C 62 -4.22 -26.35 4.87
N LYS C 63 -5.43 -26.55 4.34
CA LYS C 63 -6.65 -26.32 5.11
C LYS C 63 -6.67 -24.94 5.76
N ALA C 64 -6.39 -23.90 4.99
CA ALA C 64 -6.48 -22.53 5.52
C ALA C 64 -7.94 -22.14 5.71
N ASP C 65 -8.24 -21.46 6.83
CA ASP C 65 -9.56 -20.88 7.04
C ASP C 65 -9.65 -19.59 6.25
N LYS C 66 -10.85 -19.18 5.86
CA LYS C 66 -11.00 -17.96 5.07
C LYS C 66 -10.50 -16.72 5.83
N LEU C 67 -10.42 -16.81 7.16
CA LEU C 67 -10.01 -15.68 7.98
C LEU C 67 -8.54 -15.77 8.44
N ASP C 68 -7.83 -16.77 7.96
CA ASP C 68 -6.40 -16.83 8.23
C ASP C 68 -5.69 -15.85 7.30
N VAL C 69 -4.37 -15.71 7.46
CA VAL C 69 -3.59 -14.81 6.61
C VAL C 69 -2.61 -15.65 5.81
N VAL C 70 -2.41 -15.32 4.53
CA VAL C 70 -1.45 -16.02 3.69
C VAL C 70 -0.58 -15.01 2.98
N ARG C 71 0.52 -15.49 2.42
CA ARG C 71 1.38 -14.66 1.58
C ARG C 71 1.94 -15.62 0.56
N ILE C 72 1.88 -15.24 -0.71
CA ILE C 72 2.19 -16.14 -1.80
C ILE C 72 3.11 -15.47 -2.78
N GLN C 73 4.03 -16.24 -3.33
CA GLN C 73 4.89 -15.71 -4.36
C GLN C 73 5.23 -16.84 -5.30
N ILE C 74 5.35 -16.51 -6.58
CA ILE C 74 5.75 -17.49 -7.58
C ILE C 74 6.37 -16.75 -8.75
N ASP C 75 7.43 -17.27 -9.31
CA ASP C 75 8.08 -16.63 -10.45
C ASP C 75 7.32 -16.94 -11.73
N TYR C 76 7.46 -16.09 -12.74
CA TYR C 76 6.86 -16.37 -14.04
C TYR C 76 7.68 -15.79 -15.19
N GLU C 77 7.48 -16.39 -16.36
CA GLU C 77 8.20 -16.03 -17.56
C GLU C 77 7.18 -15.59 -18.59
N VAL C 78 7.40 -14.43 -19.17
CA VAL C 78 6.62 -13.97 -20.29
C VAL C 78 7.53 -13.87 -21.49
N ARG C 79 7.19 -14.56 -22.56
CA ARG C 79 7.92 -14.42 -23.81
C ARG C 79 7.15 -15.06 -24.93
N ASP C 80 7.13 -14.39 -26.08
CA ASP C 80 6.36 -14.83 -27.24
C ASP C 80 4.87 -14.81 -26.92
N SER C 81 4.45 -13.76 -26.21
CA SER C 81 3.04 -13.55 -25.91
C SER C 81 2.45 -14.69 -25.08
N GLN C 82 3.31 -15.34 -24.30
CA GLN C 82 2.90 -16.46 -23.47
C GLN C 82 3.42 -16.35 -22.03
N ILE C 83 2.52 -16.53 -21.08
CA ILE C 83 2.84 -16.51 -19.67
C ILE C 83 3.00 -17.93 -19.14
N GLN C 84 4.13 -18.23 -18.52
CA GLN C 84 4.32 -19.51 -17.87
C GLN C 84 4.80 -19.32 -16.44
N PHE C 85 4.10 -19.95 -15.49
CA PHE C 85 4.51 -19.93 -14.09
C PHE C 85 5.54 -21.03 -13.81
N ASP C 86 6.51 -20.75 -12.95
CA ASP C 86 7.45 -21.77 -12.53
C ASP C 86 7.06 -22.29 -11.17
N PHE C 87 6.41 -23.44 -11.11
CA PHE C 87 5.88 -23.88 -9.84
C PHE C 87 6.94 -24.36 -8.85
N SER C 88 8.16 -24.58 -9.34
CA SER C 88 9.28 -24.88 -8.43
C SER C 88 9.68 -23.65 -7.60
N THR C 89 9.12 -22.48 -7.94
CA THR C 89 9.44 -21.29 -7.17
C THR C 89 8.26 -20.85 -6.31
N LEU C 90 7.22 -21.67 -6.28
CA LEU C 90 6.05 -21.33 -5.51
C LEU C 90 6.38 -21.36 -4.02
N ARG C 91 6.04 -20.30 -3.31
CA ARG C 91 6.27 -20.25 -1.88
C ARG C 91 5.00 -19.75 -1.22
N VAL C 92 4.53 -20.46 -0.21
CA VAL C 92 3.32 -20.04 0.48
C VAL C 92 3.62 -19.98 1.97
N GLU C 93 3.16 -18.91 2.61
CA GLU C 93 3.24 -18.80 4.05
C GLU C 93 1.83 -18.74 4.60
N LEU C 94 1.63 -19.28 5.79
CA LEU C 94 0.32 -19.29 6.40
C LEU C 94 0.44 -18.94 7.87
N TRP C 95 -0.51 -18.14 8.34
CA TRP C 95 -0.60 -17.77 9.73
C TRP C 95 -2.03 -18.07 10.17
N ARG C 96 -2.18 -18.84 11.25
CA ARG C 96 -3.52 -19.21 11.69
C ARG C 96 -4.09 -18.25 12.73
N ARG C 97 -5.35 -17.85 12.52
CA ARG C 97 -6.00 -16.88 13.38
C ARG C 97 -6.14 -17.34 14.84
N VAL C 98 -5.78 -16.45 15.78
CA VAL C 98 -6.05 -16.73 17.18
C VAL C 98 -7.45 -16.25 17.50
N PRO C 99 -8.29 -17.16 18.02
CA PRO C 99 -9.71 -16.88 18.26
C PRO C 99 -9.90 -15.63 19.12
N GLU C 100 -10.83 -14.77 18.72
CA GLU C 100 -11.13 -13.53 19.43
C GLU C 100 -11.43 -13.81 20.90
N GLU C 101 -12.21 -14.85 21.13
CA GLU C 101 -12.64 -15.25 22.48
C GLU C 101 -11.43 -15.39 23.39
N GLU C 102 -10.29 -15.73 22.80
CA GLU C 102 -9.08 -16.02 23.55
C GLU C 102 -8.20 -14.78 23.78
N ILE C 103 -8.13 -13.90 22.79
CA ILE C 103 -7.30 -12.71 22.88
C ILE C 103 -7.99 -11.55 23.59
N ALA C 104 -9.27 -11.36 23.31
CA ALA C 104 -10.01 -10.19 23.81
C ALA C 104 -9.82 -9.95 25.31
N PRO C 105 -10.02 -11.00 26.13
CA PRO C 105 -9.89 -10.85 27.59
C PRO C 105 -8.47 -10.50 28.03
N ILE C 106 -7.47 -11.05 27.36
CA ILE C 106 -6.09 -10.67 27.66
C ILE C 106 -5.87 -9.18 27.35
N VAL C 107 -6.34 -8.73 26.19
CA VAL C 107 -6.18 -7.33 25.81
C VAL C 107 -6.93 -6.42 26.77
N GLU C 108 -8.16 -6.79 27.12
CA GLU C 108 -8.97 -5.95 27.98
C GLU C 108 -8.28 -5.74 29.33
N ASP C 109 -7.71 -6.82 29.86
CA ASP C 109 -7.04 -6.77 31.15
C ASP C 109 -5.80 -5.91 31.06
N PHE C 110 -5.04 -6.10 29.99
CA PHE C 110 -3.82 -5.35 29.77
C PHE C 110 -4.11 -3.85 29.69
N ALA C 111 -5.20 -3.52 29.02
CA ALA C 111 -5.56 -2.12 28.78
C ALA C 111 -5.84 -1.36 30.06
N ARG C 112 -6.22 -2.08 31.11
CA ARG C 112 -6.41 -1.48 32.42
C ARG C 112 -5.11 -0.85 32.89
N ALA C 113 -4.00 -1.54 32.63
CA ALA C 113 -2.71 -1.13 33.13
C ALA C 113 -1.90 -0.28 32.15
N ALA C 114 -2.37 -0.16 30.91
CA ALA C 114 -1.58 0.50 29.87
C ALA C 114 -1.22 1.95 30.21
N PRO C 115 -2.18 2.71 30.75
CA PRO C 115 -1.91 4.11 31.10
C PRO C 115 -0.82 4.22 32.15
N ARG C 116 -0.94 3.43 33.20
CA ARG C 116 0.01 3.44 34.30
C ARG C 116 1.35 2.85 33.86
N LEU C 117 1.36 2.20 32.70
CA LEU C 117 2.57 1.63 32.13
C LEU C 117 3.31 2.67 31.31
N LEU C 118 2.69 3.82 31.12
CA LEU C 118 3.29 4.91 30.38
C LEU C 118 3.86 5.93 31.33
N GLU C 119 3.52 5.79 32.60
CA GLU C 119 4.12 6.61 33.63
C GLU C 119 5.44 5.98 34.07
N GLU C 120 5.89 4.98 33.31
CA GLU C 120 7.08 4.24 33.69
C GLU C 120 8.22 4.32 32.67
N GLU C 121 9.39 4.70 33.16
CA GLU C 121 10.61 4.70 32.39
C GLU C 121 10.96 3.28 31.94
N ILE C 122 11.43 3.12 30.71
CA ILE C 122 11.87 1.80 30.24
C ILE C 122 13.18 1.43 30.96
N ARG C 123 13.24 0.25 31.56
CA ARG C 123 14.45 -0.16 32.27
C ARG C 123 15.35 -1.03 31.39
N PHE C 124 16.50 -0.48 31.02
CA PHE C 124 17.47 -1.21 30.23
C PHE C 124 18.60 -1.68 31.14
N THR C 125 19.28 -2.76 30.72
CA THR C 125 20.53 -3.17 31.35
C THR C 125 21.63 -3.15 30.27
N VAL C 126 22.88 -3.29 30.64
CA VAL C 126 23.97 -3.23 29.67
C VAL C 126 25.03 -4.25 30.03
N GLU C 127 25.85 -4.58 29.04
CA GLU C 127 27.02 -5.39 29.28
C GLU C 127 28.13 -4.84 28.39
N LYS C 128 29.31 -4.62 28.98
CA LYS C 128 30.45 -4.13 28.23
C LYS C 128 30.86 -5.13 27.15
N VAL C 129 31.06 -4.61 25.94
CA VAL C 129 31.52 -5.41 24.81
C VAL C 129 33.03 -5.29 24.64
N GLY C 130 33.54 -4.06 24.68
CA GLY C 130 34.96 -3.84 24.45
C GLY C 130 35.30 -2.37 24.21
N GLU C 131 36.54 -2.12 23.82
CA GLU C 131 36.99 -0.77 23.49
C GLU C 131 37.34 -0.67 22.02
N THR C 132 37.10 0.50 21.44
CA THR C 132 37.49 0.76 20.06
C THR C 132 38.97 1.12 20.00
N ASP C 133 39.50 1.22 18.79
CA ASP C 133 40.92 1.50 18.61
C ASP C 133 41.30 2.83 19.25
N VAL C 134 40.38 3.79 19.28
CA VAL C 134 40.70 5.10 19.84
C VAL C 134 40.28 5.21 21.31
N GLY C 135 39.88 4.09 21.90
CA GLY C 135 39.53 4.05 23.31
C GLY C 135 38.10 4.43 23.74
N ASP C 136 37.15 4.44 22.81
CA ASP C 136 35.75 4.55 23.21
C ASP C 136 35.37 3.23 23.85
N VAL C 137 34.38 3.25 24.74
CA VAL C 137 33.88 2.02 25.36
C VAL C 137 32.51 1.67 24.78
N VAL C 138 32.34 0.41 24.36
CA VAL C 138 31.09 -0.03 23.75
C VAL C 138 30.34 -1.03 24.63
N TYR C 139 29.05 -0.77 24.82
CA TYR C 139 28.18 -1.63 25.62
C TYR C 139 27.05 -2.14 24.77
N ARG C 140 26.69 -3.40 24.98
CA ARG C 140 25.40 -3.88 24.49
C ARG C 140 24.28 -3.44 25.42
N ILE C 141 23.14 -3.10 24.85
CA ILE C 141 21.96 -2.77 25.64
C ILE C 141 20.97 -3.93 25.55
N MSE C 142 20.37 -4.29 26.68
CA MSE C 142 19.39 -5.36 26.74
C MSE C 142 18.08 -4.87 27.33
O MSE C 142 18.06 -3.96 28.16
CB MSE C 142 19.94 -6.42 27.68
CG MSE C 142 21.34 -6.13 28.04
SE MSE C 142 22.47 -7.40 27.18
CE MSE C 142 22.18 -8.79 28.48
N TYR C 143 17.00 -5.51 26.92
CA TYR C 143 15.67 -5.30 27.46
C TYR C 143 15.09 -6.71 27.61
N ARG C 144 14.57 -7.02 28.79
CA ARG C 144 14.04 -8.37 29.05
C ARG C 144 15.11 -9.45 28.82
N GLY C 145 16.37 -9.13 29.12
CA GLY C 145 17.46 -10.09 28.96
C GLY C 145 17.97 -10.31 27.53
N SER C 146 17.33 -9.69 26.55
CA SER C 146 17.68 -9.89 25.16
C SER C 146 18.45 -8.67 24.60
N ASP C 147 19.37 -8.89 23.67
CA ASP C 147 20.13 -7.81 23.04
C ASP C 147 19.21 -6.93 22.18
N VAL C 148 19.13 -5.63 22.46
CA VAL C 148 18.24 -4.79 21.66
C VAL C 148 18.99 -3.55 21.12
N GLY C 149 20.25 -3.40 21.48
CA GLY C 149 20.94 -2.18 21.09
C GLY C 149 22.38 -2.05 21.53
N ALA C 150 22.92 -0.85 21.41
CA ALA C 150 24.30 -0.60 21.77
C ALA C 150 24.50 0.86 22.12
N LEU C 151 25.55 1.10 22.89
CA LEU C 151 25.82 2.43 23.39
C LEU C 151 27.31 2.60 23.23
N ILE C 152 27.77 3.80 22.90
CA ILE C 152 29.19 4.04 22.85
C ILE C 152 29.54 5.24 23.70
N VAL C 153 30.58 5.09 24.50
CA VAL C 153 30.98 6.14 25.42
C VAL C 153 32.40 6.61 25.14
N THR C 154 32.56 7.90 24.93
CA THR C 154 33.88 8.46 24.68
C THR C 154 34.34 9.27 25.89
N PRO C 155 35.34 8.76 26.61
CA PRO C 155 35.81 9.48 27.79
C PRO C 155 36.49 10.78 27.39
N LEU C 156 36.13 11.87 28.05
CA LEU C 156 36.83 13.11 27.81
C LEU C 156 37.74 13.33 29.02
N ASN C 157 37.61 14.46 29.68
CA ASN C 157 38.42 14.73 30.86
C ASN C 157 37.48 15.08 32.00
N GLY C 158 37.11 14.08 32.80
CA GLY C 158 36.10 14.24 33.86
C GLY C 158 34.69 14.20 33.29
N GLU C 159 34.62 13.98 32.00
CA GLU C 159 33.34 13.97 31.31
C GLU C 159 33.34 12.87 30.26
N ALA C 160 32.18 12.65 29.63
CA ALA C 160 32.12 11.70 28.53
C ALA C 160 31.01 12.08 27.55
N LEU C 161 31.19 11.71 26.30
CA LEU C 161 30.12 11.77 25.31
C LEU C 161 29.48 10.38 25.24
N VAL C 162 28.15 10.35 25.22
CA VAL C 162 27.42 9.11 25.15
C VAL C 162 26.44 9.19 23.99
N ARG C 163 26.37 8.13 23.20
CA ARG C 163 25.31 8.02 22.19
C ARG C 163 24.98 6.55 21.98
N GLY C 164 23.85 6.27 21.35
CA GLY C 164 23.48 4.88 21.18
C GLY C 164 22.10 4.75 20.62
N ALA C 165 21.59 3.51 20.58
CA ALA C 165 20.32 3.25 19.95
C ALA C 165 19.79 1.92 20.47
N VAL C 166 18.46 1.78 20.53
CA VAL C 166 17.82 0.47 20.75
C VAL C 166 16.69 0.30 19.75
N VAL C 167 16.33 -0.95 19.47
N VAL C 167 16.33 -0.96 19.51
CA VAL C 167 15.25 -1.22 18.53
CA VAL C 167 15.32 -1.33 18.53
C VAL C 167 13.99 -1.68 19.25
C VAL C 167 14.03 -1.74 19.22
N GLU C 168 14.13 -2.13 20.49
CA GLU C 168 12.99 -2.57 21.29
C GLU C 168 13.15 -1.97 22.67
N PRO C 169 12.04 -1.72 23.39
CA PRO C 169 10.67 -2.05 23.00
C PRO C 169 10.07 -1.07 22.01
N THR C 170 10.82 -0.03 21.66
CA THR C 170 10.44 0.90 20.60
C THR C 170 11.74 1.50 20.09
N PRO C 171 11.82 1.82 18.79
CA PRO C 171 13.12 2.29 18.28
C PRO C 171 13.50 3.69 18.80
N LEU C 172 14.65 3.78 19.44
CA LEU C 172 15.11 5.01 20.08
C LEU C 172 16.56 5.31 19.77
N LEU C 173 16.84 6.58 19.51
N LEU C 173 16.85 6.59 19.54
CA LEU C 173 18.18 7.04 19.24
CA LEU C 173 18.18 7.03 19.23
C LEU C 173 18.62 8.04 20.30
C LEU C 173 18.65 8.05 20.26
N LEU C 174 19.68 7.72 21.01
CA LEU C 174 20.26 8.65 21.96
C LEU C 174 21.33 9.46 21.22
N LYS C 175 21.06 10.74 21.01
CA LYS C 175 21.98 11.67 20.36
C LYS C 175 23.17 11.99 21.25
N ARG C 176 24.27 12.44 20.64
CA ARG C 176 25.45 12.85 21.40
C ARG C 176 25.07 13.63 22.67
N THR C 177 25.49 13.14 23.81
CA THR C 177 25.13 13.74 25.08
C THR C 177 26.38 13.81 25.92
N ARG C 178 26.66 14.98 26.48
CA ARG C 178 27.86 15.13 27.30
C ARG C 178 27.49 15.06 28.75
N VAL C 179 28.21 14.23 29.51
CA VAL C 179 27.85 13.98 30.91
C VAL C 179 29.10 14.06 31.76
N GLN C 180 28.92 14.37 33.03
CA GLN C 180 30.05 14.46 33.96
C GLN C 180 30.28 13.10 34.61
N VAL C 181 31.49 12.59 34.53
CA VAL C 181 31.82 11.28 35.09
C VAL C 181 33.33 11.03 35.03
N GLU C 182 33.91 10.50 36.12
CA GLU C 182 35.31 10.09 36.11
C GLU C 182 35.51 8.80 35.32
N ALA C 183 36.65 8.66 34.65
CA ALA C 183 36.87 7.57 33.69
C ALA C 183 36.77 6.16 34.29
N ASP C 184 37.24 6.00 35.53
CA ASP C 184 37.15 4.69 36.18
C ASP C 184 35.76 4.40 36.72
N ARG C 185 34.83 5.33 36.48
CA ARG C 185 33.46 5.18 36.97
C ARG C 185 32.45 5.01 35.83
N ILE C 186 32.94 4.85 34.61
CA ILE C 186 32.04 4.78 33.46
C ILE C 186 31.11 3.56 33.51
N ASP C 187 31.65 2.41 33.90
CA ASP C 187 30.82 1.19 33.98
C ASP C 187 29.65 1.42 34.92
N ASP C 188 29.95 1.84 36.14
CA ASP C 188 28.92 2.21 37.09
C ASP C 188 27.97 3.28 36.52
N PHE C 189 28.52 4.32 35.92
CA PHE C 189 27.68 5.38 35.40
C PHE C 189 26.70 4.83 34.34
N VAL C 190 27.19 3.97 33.47
CA VAL C 190 26.32 3.43 32.41
C VAL C 190 25.19 2.57 32.98
N ARG C 191 25.51 1.70 33.93
CA ARG C 191 24.48 0.91 34.60
C ARG C 191 23.39 1.81 35.19
N GLU C 192 23.82 2.89 35.84
CA GLU C 192 22.88 3.69 36.63
C GLU C 192 22.10 4.70 35.80
N SER C 193 22.59 5.00 34.60
CA SER C 193 22.11 6.14 33.81
C SER C 193 21.51 5.79 32.44
N VAL C 194 21.75 4.57 31.96
CA VAL C 194 21.30 4.21 30.62
C VAL C 194 19.80 4.39 30.46
N SER C 195 19.02 3.96 31.45
CA SER C 195 17.58 4.05 31.37
C SER C 195 17.12 5.52 31.41
N ARG C 196 17.71 6.29 32.32
CA ARG C 196 17.43 7.73 32.40
C ARG C 196 17.77 8.45 31.08
N LEU C 197 18.90 8.11 30.50
CA LEU C 197 19.30 8.73 29.24
C LEU C 197 18.32 8.43 28.11
N PHE C 198 17.87 7.18 28.02
CA PHE C 198 16.98 6.81 26.92
C PHE C 198 15.56 7.32 27.11
N SER C 199 15.21 7.73 28.32
CA SER C 199 13.89 8.35 28.56
C SER C 199 13.75 9.69 27.82
N GLU C 200 14.86 10.25 27.36
CA GLU C 200 14.82 11.50 26.59
C GLU C 200 15.34 11.29 25.16
N ALA C 201 15.52 10.03 24.78
CA ALA C 201 16.04 9.70 23.46
C ALA C 201 15.00 10.03 22.37
N GLN C 202 15.44 10.10 21.13
CA GLN C 202 14.54 10.41 20.02
C GLN C 202 13.85 9.14 19.49
N ASN C 203 12.54 9.21 19.26
CA ASN C 203 11.81 8.14 18.60
C ASN C 203 12.07 8.15 17.09
N VAL C 204 12.52 7.03 16.55
CA VAL C 204 12.88 6.96 15.14
C VAL C 204 12.25 5.73 14.49
N GLU C 205 12.43 5.60 13.19
CA GLU C 205 12.07 4.35 12.53
C GLU C 205 13.09 3.27 12.86
N LYS C 206 12.62 2.02 12.87
CA LYS C 206 13.44 0.89 13.28
C LYS C 206 14.78 0.78 12.52
N ARG C 207 14.74 0.95 11.20
CA ARG C 207 15.97 0.90 10.41
C ARG C 207 17.03 1.93 10.83
N GLU C 208 16.60 3.10 11.30
CA GLU C 208 17.57 4.10 11.70
C GLU C 208 18.32 3.59 12.91
N ALA C 209 17.58 2.99 13.84
CA ALA C 209 18.16 2.49 15.07
C ALA C 209 19.07 1.32 14.73
N VAL C 210 18.63 0.45 13.82
CA VAL C 210 19.44 -0.72 13.47
C VAL C 210 20.81 -0.31 12.92
N ARG C 211 20.80 0.70 12.05
CA ARG C 211 22.04 1.18 11.43
C ARG C 211 23.03 1.70 12.48
N VAL C 212 22.53 2.44 13.46
CA VAL C 212 23.40 2.99 14.51
C VAL C 212 23.99 1.87 15.39
N VAL C 213 23.15 0.92 15.77
CA VAL C 213 23.60 -0.23 16.56
C VAL C 213 24.72 -0.95 15.83
N ASN C 214 24.51 -1.26 14.56
CA ASN C 214 25.53 -1.94 13.77
C ASN C 214 26.83 -1.16 13.61
N GLU C 215 26.71 0.13 13.38
CA GLU C 215 27.91 0.95 13.21
C GLU C 215 28.69 1.00 14.52
N ILE C 216 27.97 1.04 15.63
CA ILE C 216 28.64 1.03 16.93
C ILE C 216 29.28 -0.32 17.19
N LEU C 217 28.54 -1.41 17.00
CA LEU C 217 29.14 -2.71 17.24
C LEU C 217 30.34 -3.01 16.31
N SER C 218 30.30 -2.49 15.09
CA SER C 218 31.40 -2.72 14.14
C SER C 218 32.72 -2.06 14.58
N LEU C 219 32.62 -1.06 15.45
CA LEU C 219 33.83 -0.37 15.90
C LEU C 219 34.60 -1.16 16.93
N VAL C 220 33.99 -2.20 17.49
CA VAL C 220 34.63 -2.89 18.59
C VAL C 220 35.83 -3.72 18.13
N LYS C 221 36.93 -3.55 18.86
CA LYS C 221 38.18 -4.31 18.71
C LYS C 221 39.38 -3.39 18.54
N GLY D 1 15.61 -13.41 -23.44
CA GLY D 1 14.43 -13.13 -24.24
C GLY D 1 13.19 -12.97 -23.38
N ALA D 2 13.24 -13.54 -22.17
CA ALA D 2 12.14 -13.40 -21.22
C ALA D 2 12.07 -11.97 -20.67
N MSE D 3 10.87 -11.49 -20.40
CA MSE D 3 10.67 -10.18 -19.81
C MSE D 3 11.37 -10.02 -18.46
O MSE D 3 11.42 -10.96 -17.65
CB MSE D 3 9.18 -9.91 -19.65
CG MSE D 3 8.86 -8.64 -18.94
SE MSE D 3 6.95 -8.56 -18.66
CE MSE D 3 6.41 -8.69 -20.55
N LEU D 4 11.91 -8.84 -18.20
CA LEU D 4 12.67 -8.56 -16.97
C LEU D 4 11.74 -8.07 -15.87
N PRO D 5 12.16 -8.22 -14.61
CA PRO D 5 11.32 -7.62 -13.57
C PRO D 5 11.44 -6.10 -13.63
N THR D 6 10.50 -5.41 -13.02
CA THR D 6 10.40 -3.98 -13.12
C THR D 6 10.29 -3.36 -11.74
N LEU D 7 11.12 -2.35 -11.50
CA LEU D 7 11.03 -1.53 -10.31
C LEU D 7 9.96 -0.50 -10.59
N ARG D 8 8.92 -0.45 -9.75
CA ARG D 8 7.83 0.51 -9.90
C ARG D 8 7.59 1.24 -8.58
N THR D 9 7.57 2.56 -8.59
CA THR D 9 7.35 3.26 -7.33
C THR D 9 5.88 3.45 -7.03
N GLY D 10 5.03 3.44 -8.06
CA GLY D 10 3.68 3.93 -7.88
C GLY D 10 3.76 5.44 -7.67
N LEU D 11 2.63 6.06 -7.35
CA LEU D 11 2.59 7.51 -7.13
C LEU D 11 3.30 7.81 -5.82
N VAL D 12 4.18 8.82 -5.84
CA VAL D 12 4.87 9.23 -4.63
C VAL D 12 5.15 10.73 -4.66
N ILE D 13 5.03 11.40 -3.51
CA ILE D 13 5.44 12.80 -3.46
C ILE D 13 6.92 12.84 -3.85
N ALA D 14 7.31 13.84 -4.65
CA ALA D 14 8.66 13.90 -5.21
C ALA D 14 9.74 13.86 -4.14
N ALA D 15 9.49 14.53 -3.01
CA ALA D 15 10.47 14.52 -1.91
C ALA D 15 10.77 13.13 -1.38
N GLY D 16 9.88 12.18 -1.66
CA GLY D 16 10.06 10.85 -1.13
C GLY D 16 10.46 9.83 -2.17
N TYR D 17 10.79 10.24 -3.39
CA TYR D 17 11.06 9.22 -4.41
C TYR D 17 12.27 8.34 -4.04
N ALA D 18 13.31 8.91 -3.42
CA ALA D 18 14.54 8.14 -3.18
C ALA D 18 14.33 6.98 -2.22
N ASP D 19 13.64 7.21 -1.11
CA ASP D 19 13.41 6.10 -0.21
C ASP D 19 12.36 5.14 -0.74
N LYS D 20 11.47 5.62 -1.61
CA LYS D 20 10.51 4.73 -2.23
C LYS D 20 11.24 3.76 -3.17
N VAL D 21 12.14 4.29 -3.97
CA VAL D 21 12.95 3.49 -4.87
C VAL D 21 13.79 2.47 -4.12
N ARG D 22 14.44 2.90 -3.06
CA ARG D 22 15.29 2.00 -2.28
C ARG D 22 14.46 0.88 -1.64
N ARG D 23 13.37 1.24 -0.99
CA ARG D 23 12.53 0.25 -0.31
C ARG D 23 11.90 -0.77 -1.25
N VAL D 24 11.44 -0.30 -2.40
CA VAL D 24 10.88 -1.21 -3.40
C VAL D 24 11.96 -2.15 -3.94
N LEU D 25 13.14 -1.63 -4.23
CA LEU D 25 14.20 -2.50 -4.73
C LEU D 25 14.58 -3.55 -3.70
N PHE D 26 14.74 -3.16 -2.43
CA PHE D 26 15.03 -4.14 -1.38
C PHE D 26 13.93 -5.22 -1.27
N ALA D 27 12.66 -4.81 -1.35
CA ALA D 27 11.56 -5.75 -1.23
C ALA D 27 11.59 -6.77 -2.37
N GLN D 28 11.78 -6.30 -3.60
CA GLN D 28 11.86 -7.19 -4.77
C GLN D 28 13.04 -8.16 -4.74
N LEU D 29 14.14 -7.75 -4.12
CA LEU D 29 15.37 -8.56 -4.17
C LEU D 29 15.64 -9.26 -2.84
N ARG D 30 14.62 -9.27 -1.99
CA ARG D 30 14.75 -9.88 -0.68
C ARG D 30 15.24 -11.32 -0.79
N ASP D 31 14.67 -12.08 -1.74
CA ASP D 31 15.06 -13.47 -1.90
C ASP D 31 16.45 -13.62 -2.52
N ALA D 32 16.81 -12.72 -3.45
CA ALA D 32 18.15 -12.76 -4.04
C ALA D 32 19.22 -12.51 -2.99
N ILE D 33 18.93 -11.65 -2.02
CA ILE D 33 19.84 -11.40 -0.91
C ILE D 33 19.93 -12.59 0.06
N LYS D 34 18.78 -13.11 0.48
CA LYS D 34 18.78 -14.28 1.37
C LYS D 34 19.44 -15.49 0.72
N SER D 35 19.26 -15.66 -0.59
CA SER D 35 19.86 -16.77 -1.31
C SER D 35 21.37 -16.61 -1.48
N GLY D 36 21.87 -15.39 -1.32
CA GLY D 36 23.29 -15.13 -1.49
C GLY D 36 23.69 -14.82 -2.91
N GLU D 37 22.71 -14.69 -3.80
CA GLU D 37 22.96 -14.20 -5.15
C GLU D 37 23.47 -12.75 -5.12
N LEU D 38 23.01 -11.97 -4.14
CA LEU D 38 23.40 -10.56 -3.99
C LEU D 38 23.55 -10.20 -2.52
N SER D 39 24.43 -9.24 -2.23
CA SER D 39 24.55 -8.69 -0.89
C SER D 39 23.64 -7.48 -0.72
N ASN D 40 23.36 -7.13 0.53
CA ASN D 40 22.71 -5.87 0.85
C ASN D 40 23.42 -4.71 0.18
N LYS D 41 24.75 -4.72 0.25
CA LYS D 41 25.58 -3.69 -0.35
C LYS D 41 25.30 -3.55 -1.83
N ASP D 42 25.17 -4.68 -2.53
CA ASP D 42 24.89 -4.66 -3.97
C ASP D 42 23.61 -3.89 -4.25
N VAL D 43 22.59 -4.20 -3.47
CA VAL D 43 21.26 -3.65 -3.70
C VAL D 43 21.22 -2.17 -3.31
N ALA D 44 21.89 -1.81 -2.22
CA ALA D 44 21.95 -0.42 -1.77
C ALA D 44 22.63 0.46 -2.83
N MSE D 45 23.72 -0.05 -3.41
CA MSE D 45 24.45 0.69 -4.43
C MSE D 45 23.63 0.84 -5.69
O MSE D 45 23.65 1.91 -6.32
CB MSE D 45 25.77 -0.01 -4.77
CG MSE D 45 26.70 -0.12 -3.58
SE MSE D 45 28.47 -0.75 -4.15
CE MSE D 45 28.79 0.58 -5.56
N ALA D 46 22.91 -0.20 -6.07
CA ALA D 46 22.06 -0.13 -7.26
C ALA D 46 20.97 0.93 -7.07
N ALA D 47 20.30 0.89 -5.92
CA ALA D 47 19.29 1.91 -5.63
C ALA D 47 19.90 3.31 -5.55
N GLY D 48 21.07 3.43 -4.92
CA GLY D 48 21.73 4.71 -4.80
C GLY D 48 22.14 5.30 -6.14
N ASN D 49 22.59 4.42 -7.03
CA ASN D 49 22.97 4.81 -8.39
C ASN D 49 21.76 5.31 -9.17
N LEU D 50 20.67 4.56 -9.06
CA LEU D 50 19.42 4.97 -9.72
C LEU D 50 18.91 6.31 -9.15
N ASN D 51 19.00 6.49 -7.84
CA ASN D 51 18.57 7.74 -7.23
C ASN D 51 19.43 8.91 -7.70
N ARG D 52 20.71 8.65 -7.92
CA ARG D 52 21.63 9.67 -8.37
C ARG D 52 21.22 10.17 -9.76
N VAL D 53 20.85 9.24 -10.64
CA VAL D 53 20.37 9.59 -11.97
C VAL D 53 19.02 10.33 -11.93
N LEU D 54 18.09 9.80 -11.14
CA LEU D 54 16.79 10.43 -10.97
C LEU D 54 16.89 11.85 -10.44
N PHE D 55 17.85 12.09 -9.54
CA PHE D 55 18.00 13.43 -8.99
C PHE D 55 18.29 14.42 -10.12
N GLU D 56 19.26 14.09 -10.98
CA GLU D 56 19.59 14.92 -12.13
C GLU D 56 18.37 15.09 -13.05
N LEU D 57 17.71 13.98 -13.34
CA LEU D 57 16.54 14.02 -14.22
C LEU D 57 15.36 14.83 -13.62
N LEU D 58 14.92 14.46 -12.42
CA LEU D 58 13.72 15.04 -11.81
C LEU D 58 13.94 16.43 -11.26
N VAL D 59 15.02 16.60 -10.50
CA VAL D 59 15.22 17.85 -9.79
C VAL D 59 15.91 18.90 -10.66
N ASN D 60 16.88 18.49 -11.46
CA ASN D 60 17.65 19.47 -12.24
C ASN D 60 17.12 19.72 -13.64
N LYS D 61 16.63 18.67 -14.30
CA LYS D 61 16.12 18.85 -15.65
C LYS D 61 14.61 19.14 -15.68
N LEU D 62 13.81 18.33 -15.00
CA LEU D 62 12.38 18.54 -15.04
C LEU D 62 11.97 19.61 -14.05
N LYS D 63 12.87 19.94 -13.14
CA LYS D 63 12.61 20.97 -12.14
C LYS D 63 11.40 20.62 -11.29
N ALA D 64 11.26 19.35 -10.93
CA ALA D 64 10.16 18.90 -10.08
C ALA D 64 10.23 19.61 -8.72
N ASP D 65 9.09 20.05 -8.21
CA ASP D 65 9.05 20.61 -6.87
C ASP D 65 9.00 19.46 -5.85
N LYS D 66 9.47 19.70 -4.62
CA LYS D 66 9.43 18.63 -3.65
C LYS D 66 8.00 18.19 -3.30
N LEU D 67 7.01 19.05 -3.58
CA LEU D 67 5.63 18.67 -3.33
C LEU D 67 4.87 18.27 -4.60
N ASP D 68 5.59 18.04 -5.68
CA ASP D 68 4.94 17.51 -6.88
C ASP D 68 4.76 15.99 -6.71
N VAL D 69 4.13 15.35 -7.69
CA VAL D 69 3.96 13.90 -7.63
C VAL D 69 4.72 13.27 -8.79
N VAL D 70 5.40 12.15 -8.56
CA VAL D 70 6.07 11.43 -9.63
C VAL D 70 5.73 9.95 -9.58
N ARG D 71 5.92 9.27 -10.71
CA ARG D 71 5.83 7.83 -10.72
C ARG D 71 6.95 7.35 -11.64
N ILE D 72 7.72 6.37 -11.20
CA ILE D 72 8.91 5.97 -11.92
C ILE D 72 8.89 4.48 -12.11
N GLN D 73 9.37 4.02 -13.26
CA GLN D 73 9.56 2.58 -13.41
C GLN D 73 10.78 2.30 -14.28
N ILE D 74 11.45 1.19 -14.01
CA ILE D 74 12.60 0.83 -14.82
C ILE D 74 12.84 -0.67 -14.69
N ASP D 75 13.21 -1.31 -15.79
CA ASP D 75 13.45 -2.76 -15.76
C ASP D 75 14.88 -3.00 -15.31
N TYR D 76 15.14 -4.17 -14.72
CA TYR D 76 16.51 -4.50 -14.33
C TYR D 76 16.83 -5.97 -14.50
N GLU D 77 18.10 -6.25 -14.70
CA GLU D 77 18.57 -7.60 -14.91
C GLU D 77 19.50 -7.98 -13.77
N VAL D 78 19.17 -9.09 -13.10
CA VAL D 78 20.07 -9.68 -12.13
C VAL D 78 20.60 -10.98 -12.72
N ARG D 79 21.89 -11.03 -12.96
CA ARG D 79 22.55 -12.26 -13.35
C ARG D 79 24.03 -12.19 -13.00
N ASP D 80 24.57 -13.35 -12.61
CA ASP D 80 25.98 -13.46 -12.24
C ASP D 80 26.30 -12.55 -11.06
N SER D 81 25.40 -12.53 -10.08
CA SER D 81 25.59 -11.76 -8.85
C SER D 81 25.84 -10.28 -9.09
N GLN D 82 25.16 -9.72 -10.09
CA GLN D 82 25.24 -8.30 -10.41
C GLN D 82 23.88 -7.77 -10.88
N ILE D 83 23.53 -6.55 -10.47
CA ILE D 83 22.29 -5.89 -10.88
C ILE D 83 22.57 -4.81 -11.91
N GLN D 84 21.92 -4.87 -13.06
CA GLN D 84 22.09 -3.81 -14.05
C GLN D 84 20.73 -3.27 -14.47
N PHE D 85 20.52 -1.96 -14.39
CA PHE D 85 19.28 -1.38 -14.89
C PHE D 85 19.33 -1.27 -16.40
N ASP D 86 18.16 -1.36 -17.03
CA ASP D 86 18.10 -1.11 -18.46
C ASP D 86 17.50 0.27 -18.66
N PHE D 87 18.35 1.26 -18.89
CA PHE D 87 17.88 2.62 -18.91
C PHE D 87 17.00 2.96 -20.10
N SER D 88 17.06 2.14 -21.15
CA SER D 88 16.16 2.30 -22.27
C SER D 88 14.71 2.05 -21.84
N THR D 89 14.51 1.42 -20.68
CA THR D 89 13.16 1.16 -20.18
C THR D 89 12.70 2.12 -19.09
N LEU D 90 13.50 3.15 -18.81
CA LEU D 90 13.14 4.13 -17.78
C LEU D 90 11.91 4.92 -18.21
N ARG D 91 10.87 4.91 -17.37
CA ARG D 91 9.72 5.78 -17.62
C ARG D 91 9.46 6.66 -16.39
N VAL D 92 9.27 7.94 -16.63
CA VAL D 92 9.04 8.87 -15.55
C VAL D 92 7.77 9.63 -15.85
N GLU D 93 6.86 9.72 -14.89
CA GLU D 93 5.68 10.58 -15.03
C GLU D 93 5.76 11.65 -13.97
N LEU D 94 5.28 12.85 -14.29
CA LEU D 94 5.33 13.98 -13.37
C LEU D 94 3.98 14.67 -13.31
N TRP D 95 3.53 15.00 -12.11
CA TRP D 95 2.35 15.84 -11.98
C TRP D 95 2.73 17.06 -11.15
N ARG D 96 2.37 18.25 -11.63
CA ARG D 96 2.70 19.50 -10.94
C ARG D 96 1.56 20.01 -10.06
N ARG D 97 1.90 20.32 -8.82
CA ARG D 97 0.93 20.74 -7.83
C ARG D 97 0.21 22.03 -8.17
N VAL D 98 -1.11 22.04 -8.05
CA VAL D 98 -1.91 23.26 -8.15
C VAL D 98 -1.86 23.98 -6.82
N PRO D 99 -1.42 25.25 -6.83
CA PRO D 99 -1.20 25.99 -5.58
C PRO D 99 -2.46 25.99 -4.73
N GLU D 100 -2.32 25.83 -3.43
CA GLU D 100 -3.50 25.74 -2.58
C GLU D 100 -4.33 26.99 -2.67
N GLU D 101 -3.66 28.13 -2.76
CA GLU D 101 -4.32 29.41 -2.92
C GLU D 101 -5.35 29.36 -4.04
N GLU D 102 -5.07 28.56 -5.06
CA GLU D 102 -5.97 28.47 -6.20
C GLU D 102 -7.13 27.47 -5.96
N ILE D 103 -6.87 26.40 -5.22
CA ILE D 103 -7.88 25.36 -4.95
C ILE D 103 -8.82 25.70 -3.80
N ALA D 104 -8.25 26.13 -2.68
CA ALA D 104 -8.99 26.26 -1.42
C ALA D 104 -10.25 27.13 -1.50
N PRO D 105 -10.15 28.30 -2.16
CA PRO D 105 -11.34 29.11 -2.34
C PRO D 105 -12.49 28.33 -2.97
N ILE D 106 -12.21 27.68 -4.10
CA ILE D 106 -13.22 26.90 -4.81
C ILE D 106 -13.82 25.81 -3.93
N VAL D 107 -12.96 25.08 -3.22
CA VAL D 107 -13.42 23.99 -2.37
C VAL D 107 -14.30 24.52 -1.24
N GLU D 108 -13.84 25.59 -0.60
CA GLU D 108 -14.59 26.24 0.47
C GLU D 108 -16.01 26.63 0.04
N ASP D 109 -16.13 27.31 -1.10
CA ASP D 109 -17.43 27.76 -1.57
C ASP D 109 -18.33 26.57 -1.91
N PHE D 110 -17.74 25.59 -2.56
CA PHE D 110 -18.49 24.42 -3.00
C PHE D 110 -19.02 23.60 -1.83
N ALA D 111 -18.23 23.52 -0.76
CA ALA D 111 -18.60 22.73 0.41
C ALA D 111 -19.92 23.20 1.01
N ARG D 112 -20.33 24.41 0.64
CA ARG D 112 -21.56 25.00 1.16
C ARG D 112 -22.80 24.44 0.45
N ALA D 113 -22.65 24.16 -0.84
CA ALA D 113 -23.72 23.55 -1.62
C ALA D 113 -23.77 22.03 -1.43
N ALA D 114 -22.72 21.47 -0.82
CA ALA D 114 -22.54 20.03 -0.76
C ALA D 114 -23.65 19.25 -0.02
N PRO D 115 -24.02 19.67 1.20
CA PRO D 115 -25.03 18.93 1.95
C PRO D 115 -26.33 18.72 1.17
N ARG D 116 -26.64 19.64 0.25
CA ARG D 116 -27.77 19.46 -0.64
C ARG D 116 -27.52 18.34 -1.64
N LEU D 117 -26.42 18.47 -2.39
CA LEU D 117 -26.04 17.48 -3.40
C LEU D 117 -26.00 16.05 -2.84
N LEU D 118 -25.56 15.90 -1.60
CA LEU D 118 -25.47 14.59 -0.98
C LEU D 118 -26.77 13.81 -1.15
N GLU D 119 -27.89 14.51 -0.99
CA GLU D 119 -29.19 13.85 -0.89
C GLU D 119 -30.03 13.97 -2.16
N GLU D 120 -29.84 15.08 -2.87
CA GLU D 120 -30.64 15.41 -4.06
C GLU D 120 -30.55 14.36 -5.18
N GLU D 121 -31.70 14.04 -5.77
CA GLU D 121 -31.83 12.97 -6.76
C GLU D 121 -31.12 13.32 -8.07
N ILE D 122 -30.41 12.34 -8.64
CA ILE D 122 -29.69 12.58 -9.90
C ILE D 122 -30.65 12.48 -11.09
N ARG D 123 -30.61 13.48 -11.97
CA ARG D 123 -31.46 13.46 -13.16
C ARG D 123 -30.66 13.01 -14.38
N PHE D 124 -31.11 11.92 -15.02
CA PHE D 124 -30.45 11.37 -16.18
C PHE D 124 -31.34 11.53 -17.41
N THR D 125 -30.77 11.43 -18.59
CA THR D 125 -31.58 11.25 -19.81
C THR D 125 -31.11 9.99 -20.57
N VAL D 126 -31.88 9.57 -21.57
CA VAL D 126 -31.56 8.36 -22.33
C VAL D 126 -31.76 8.58 -23.82
N GLU D 127 -31.03 7.82 -24.62
CA GLU D 127 -31.31 7.75 -26.04
C GLU D 127 -31.22 6.29 -26.46
N LYS D 128 -32.14 5.87 -27.32
CA LYS D 128 -32.14 4.49 -27.79
C LYS D 128 -30.89 4.17 -28.62
N VAL D 129 -30.29 3.01 -28.35
CA VAL D 129 -29.13 2.53 -29.10
C VAL D 129 -29.50 1.47 -30.13
N GLY D 130 -30.37 0.54 -29.74
CA GLY D 130 -30.84 -0.50 -30.65
C GLY D 130 -31.55 -1.61 -29.91
N GLU D 131 -31.75 -2.74 -30.59
CA GLU D 131 -32.35 -3.92 -29.96
C GLU D 131 -31.40 -5.12 -29.97
N THR D 132 -31.64 -6.09 -29.09
CA THR D 132 -30.80 -7.28 -29.05
C THR D 132 -31.43 -8.33 -29.97
N ASP D 133 -30.80 -9.51 -30.03
CA ASP D 133 -31.32 -10.62 -30.84
C ASP D 133 -32.66 -11.12 -30.33
N VAL D 134 -32.88 -10.95 -29.04
CA VAL D 134 -34.04 -11.49 -28.36
C VAL D 134 -35.16 -10.44 -28.22
N GLY D 135 -34.93 -9.26 -28.76
CA GLY D 135 -35.95 -8.21 -28.70
C GLY D 135 -35.88 -7.30 -27.48
N ASP D 136 -34.80 -7.40 -26.72
CA ASP D 136 -34.54 -6.43 -25.65
C ASP D 136 -34.19 -5.08 -26.29
N VAL D 137 -34.50 -3.97 -25.62
CA VAL D 137 -34.15 -2.66 -26.15
C VAL D 137 -33.03 -2.05 -25.30
N VAL D 138 -32.00 -1.51 -25.95
CA VAL D 138 -30.86 -0.94 -25.24
C VAL D 138 -30.80 0.59 -25.40
N TYR D 139 -30.57 1.26 -24.28
CA TYR D 139 -30.47 2.73 -24.22
C TYR D 139 -29.13 3.17 -23.67
N ARG D 140 -28.58 4.24 -24.22
CA ARG D 140 -27.46 4.92 -23.56
C ARG D 140 -28.04 5.86 -22.53
N ILE D 141 -27.38 5.93 -21.38
CA ILE D 141 -27.81 6.84 -20.33
C ILE D 141 -26.84 8.02 -20.29
N MSE D 142 -27.36 9.22 -20.11
CA MSE D 142 -26.53 10.41 -20.10
C MSE D 142 -26.72 11.23 -18.85
O MSE D 142 -27.81 11.26 -18.27
CB MSE D 142 -26.85 11.29 -21.31
CG MSE D 142 -26.43 10.65 -22.63
SE MSE D 142 -27.28 11.57 -24.14
CE MSE D 142 -29.09 10.87 -23.93
N TYR D 143 -25.63 11.86 -18.39
CA TYR D 143 -25.69 12.82 -17.32
C TYR D 143 -25.25 14.15 -17.90
N ARG D 144 -26.12 15.14 -17.86
CA ARG D 144 -25.85 16.44 -18.49
C ARG D 144 -25.31 16.31 -19.93
N GLY D 145 -26.00 15.55 -20.76
CA GLY D 145 -25.64 15.41 -22.17
C GLY D 145 -24.47 14.49 -22.47
N SER D 146 -23.78 14.03 -21.44
CA SER D 146 -22.60 13.20 -21.63
C SER D 146 -22.92 11.74 -21.31
N ASP D 147 -22.37 10.80 -22.08
CA ASP D 147 -22.68 9.38 -21.88
C ASP D 147 -22.08 8.85 -20.58
N VAL D 148 -22.88 8.17 -19.77
CA VAL D 148 -22.38 7.67 -18.51
C VAL D 148 -22.81 6.23 -18.24
N GLY D 149 -23.71 5.69 -19.05
CA GLY D 149 -24.10 4.32 -18.83
C GLY D 149 -25.02 3.73 -19.87
N ALA D 150 -25.70 2.65 -19.48
CA ALA D 150 -26.54 1.93 -20.39
C ALA D 150 -27.63 1.23 -19.61
N LEU D 151 -28.73 0.99 -20.30
N LEU D 151 -28.71 0.94 -20.32
CA LEU D 151 -29.92 0.44 -19.70
CA LEU D 151 -29.94 0.47 -19.71
C LEU D 151 -30.39 -0.61 -20.69
C LEU D 151 -30.58 -0.53 -20.68
N ILE D 152 -30.92 -1.72 -20.18
CA ILE D 152 -31.54 -2.73 -21.03
C ILE D 152 -32.95 -3.09 -20.58
N VAL D 153 -33.91 -2.98 -21.49
CA VAL D 153 -35.30 -3.20 -21.14
C VAL D 153 -35.86 -4.41 -21.89
N THR D 154 -36.50 -5.29 -21.15
CA THR D 154 -37.17 -6.45 -21.72
C THR D 154 -38.67 -6.23 -21.65
N PRO D 155 -39.30 -6.00 -22.80
CA PRO D 155 -40.74 -5.75 -22.86
C PRO D 155 -41.53 -7.00 -22.48
N LEU D 156 -42.45 -6.84 -21.55
CA LEU D 156 -43.44 -7.88 -21.29
C LEU D 156 -44.82 -7.33 -21.67
N ASN D 157 -45.88 -7.75 -20.97
CA ASN D 157 -47.22 -7.25 -21.23
C ASN D 157 -47.66 -6.19 -20.24
N GLY D 158 -47.59 -4.92 -20.61
CA GLY D 158 -47.98 -3.86 -19.70
C GLY D 158 -46.99 -3.78 -18.55
N GLU D 159 -45.90 -4.51 -18.68
CA GLU D 159 -44.77 -4.37 -17.78
C GLU D 159 -43.48 -4.68 -18.52
N ALA D 160 -42.36 -4.56 -17.83
CA ALA D 160 -41.06 -4.83 -18.44
C ALA D 160 -40.03 -5.10 -17.38
N LEU D 161 -38.95 -5.75 -17.77
CA LEU D 161 -37.80 -5.91 -16.89
C LEU D 161 -36.75 -4.89 -17.30
N VAL D 162 -36.20 -4.20 -16.30
CA VAL D 162 -35.19 -3.20 -16.56
C VAL D 162 -33.95 -3.50 -15.75
N ARG D 163 -32.78 -3.27 -16.34
CA ARG D 163 -31.50 -3.46 -15.65
C ARG D 163 -30.49 -2.52 -16.32
N GLY D 164 -29.52 -2.03 -15.56
CA GLY D 164 -28.53 -1.13 -16.12
C GLY D 164 -27.52 -0.62 -15.12
N ALA D 165 -26.68 0.31 -15.57
CA ALA D 165 -25.62 0.84 -14.74
C ALA D 165 -25.18 2.19 -15.26
N VAL D 166 -24.65 3.02 -14.36
CA VAL D 166 -24.02 4.27 -14.77
C VAL D 166 -22.68 4.34 -14.05
N VAL D 167 -21.72 4.99 -14.67
CA VAL D 167 -20.42 5.17 -14.03
C VAL D 167 -20.31 6.52 -13.33
N GLU D 168 -21.07 7.51 -13.77
CA GLU D 168 -20.99 8.88 -13.25
C GLU D 168 -22.39 9.46 -13.11
N PRO D 169 -22.61 10.41 -12.18
CA PRO D 169 -21.62 11.05 -11.31
C PRO D 169 -21.21 10.19 -10.12
N THR D 170 -21.91 9.08 -9.90
CA THR D 170 -21.44 8.05 -8.98
C THR D 170 -21.86 6.68 -9.55
N PRO D 171 -21.03 5.65 -9.35
CA PRO D 171 -21.26 4.36 -10.01
C PRO D 171 -22.47 3.62 -9.42
N LEU D 172 -23.48 3.37 -10.24
CA LEU D 172 -24.73 2.77 -9.77
C LEU D 172 -25.12 1.55 -10.59
N LEU D 173 -25.64 0.55 -9.88
CA LEU D 173 -26.16 -0.64 -10.55
C LEU D 173 -27.65 -0.77 -10.28
N LEU D 174 -28.42 -0.79 -11.36
CA LEU D 174 -29.85 -1.03 -11.27
C LEU D 174 -30.05 -2.52 -11.57
N LYS D 175 -30.34 -3.28 -10.52
CA LYS D 175 -30.50 -4.71 -10.63
C LYS D 175 -31.84 -4.99 -11.30
N ARG D 176 -32.00 -6.20 -11.84
CA ARG D 176 -33.22 -6.54 -12.54
C ARG D 176 -34.43 -6.08 -11.75
N THR D 177 -35.26 -5.26 -12.36
CA THR D 177 -36.42 -4.69 -11.71
C THR D 177 -37.63 -4.86 -12.62
N ARG D 178 -38.73 -5.33 -12.08
CA ARG D 178 -39.93 -5.45 -12.87
C ARG D 178 -40.83 -4.24 -12.63
N VAL D 179 -41.26 -3.61 -13.72
CA VAL D 179 -42.02 -2.38 -13.63
C VAL D 179 -43.25 -2.43 -14.50
N GLN D 180 -44.34 -1.85 -14.03
CA GLN D 180 -45.54 -1.72 -14.83
C GLN D 180 -45.34 -0.56 -15.78
N VAL D 181 -45.59 -0.80 -17.06
CA VAL D 181 -45.48 0.24 -18.07
C VAL D 181 -46.86 0.83 -18.39
N GLU D 182 -46.98 2.15 -18.25
CA GLU D 182 -48.23 2.84 -18.48
C GLU D 182 -48.09 3.77 -19.69
N ALA D 183 -47.37 3.30 -20.70
CA ALA D 183 -47.13 4.09 -21.90
C ALA D 183 -46.97 3.19 -23.12
N ASP D 184 -47.83 3.39 -24.12
CA ASP D 184 -47.81 2.58 -25.32
C ASP D 184 -46.39 2.27 -25.79
N ARG D 185 -45.57 3.31 -25.86
CA ARG D 185 -44.19 3.12 -26.28
C ARG D 185 -43.29 2.90 -25.07
N ILE D 186 -42.50 1.84 -25.14
CA ILE D 186 -41.49 1.60 -24.12
C ILE D 186 -40.57 2.80 -24.08
N ASP D 187 -40.23 3.34 -25.26
CA ASP D 187 -39.40 4.54 -25.33
C ASP D 187 -39.92 5.64 -24.42
N ASP D 188 -41.23 5.86 -24.44
CA ASP D 188 -41.82 6.91 -23.64
C ASP D 188 -41.65 6.62 -22.17
N PHE D 189 -41.86 5.37 -21.78
CA PHE D 189 -41.72 4.98 -20.39
C PHE D 189 -40.27 5.09 -19.89
N VAL D 190 -39.31 4.78 -20.74
CA VAL D 190 -37.92 4.84 -20.32
C VAL D 190 -37.52 6.28 -20.11
N ARG D 191 -38.00 7.15 -21.00
CA ARG D 191 -37.69 8.57 -20.92
C ARG D 191 -38.17 9.19 -19.61
N GLU D 192 -39.40 8.88 -19.19
CA GLU D 192 -39.91 9.53 -18.00
C GLU D 192 -39.48 8.86 -16.70
N SER D 193 -38.99 7.62 -16.76
CA SER D 193 -38.73 6.86 -15.54
C SER D 193 -37.26 6.61 -15.22
N VAL D 194 -36.35 6.89 -16.14
CA VAL D 194 -34.94 6.51 -15.91
C VAL D 194 -34.37 7.08 -14.60
N SER D 195 -34.60 8.36 -14.33
CA SER D 195 -34.08 8.96 -13.10
C SER D 195 -34.70 8.36 -11.83
N ARG D 196 -36.01 8.09 -11.90
CA ARG D 196 -36.72 7.52 -10.77
C ARG D 196 -36.21 6.09 -10.50
N LEU D 197 -35.97 5.32 -11.58
CA LEU D 197 -35.42 3.97 -11.43
C LEU D 197 -34.05 4.03 -10.75
N PHE D 198 -33.19 4.95 -11.15
CA PHE D 198 -31.86 5.00 -10.58
C PHE D 198 -31.80 5.60 -9.20
N SER D 199 -32.87 6.29 -8.79
CA SER D 199 -32.92 6.83 -7.44
C SER D 199 -32.89 5.71 -6.40
N GLU D 200 -33.09 4.48 -6.85
CA GLU D 200 -33.06 3.31 -5.98
C GLU D 200 -32.01 2.29 -6.43
N ALA D 201 -31.13 2.68 -7.34
CA ALA D 201 -30.07 1.77 -7.76
C ALA D 201 -29.11 1.53 -6.60
N GLN D 202 -28.25 0.53 -6.72
CA GLN D 202 -27.29 0.31 -5.65
C GLN D 202 -25.90 0.90 -5.94
N ASN D 203 -25.26 1.42 -4.91
CA ASN D 203 -23.90 1.96 -5.08
C ASN D 203 -22.87 0.84 -5.16
N VAL D 204 -22.09 0.84 -6.23
CA VAL D 204 -21.10 -0.20 -6.45
C VAL D 204 -19.76 0.41 -6.83
N GLU D 205 -18.77 -0.45 -7.05
CA GLU D 205 -17.48 0.00 -7.55
C GLU D 205 -17.61 0.40 -9.01
N LYS D 206 -16.75 1.32 -9.43
CA LYS D 206 -16.78 1.81 -10.80
C LYS D 206 -16.54 0.63 -11.73
N ARG D 207 -15.61 -0.24 -11.35
CA ARG D 207 -15.25 -1.40 -12.15
C ARG D 207 -16.47 -2.26 -12.51
N GLU D 208 -17.33 -2.50 -11.52
CA GLU D 208 -18.55 -3.27 -11.73
C GLU D 208 -19.49 -2.54 -12.69
N ALA D 209 -19.71 -1.25 -12.44
CA ALA D 209 -20.56 -0.45 -13.33
C ALA D 209 -20.06 -0.53 -14.76
N VAL D 210 -18.76 -0.34 -14.95
CA VAL D 210 -18.18 -0.37 -16.28
C VAL D 210 -18.42 -1.72 -16.97
N ARG D 211 -18.27 -2.81 -16.22
CA ARG D 211 -18.49 -4.13 -16.80
C ARG D 211 -19.94 -4.25 -17.29
N VAL D 212 -20.89 -3.78 -16.50
CA VAL D 212 -22.30 -3.95 -16.87
C VAL D 212 -22.66 -3.08 -18.07
N VAL D 213 -22.18 -1.85 -18.08
CA VAL D 213 -22.40 -0.98 -19.24
C VAL D 213 -21.89 -1.66 -20.50
N ASN D 214 -20.67 -2.18 -20.44
CA ASN D 214 -20.05 -2.79 -21.61
C ASN D 214 -20.78 -4.05 -22.09
N GLU D 215 -21.23 -4.88 -21.15
CA GLU D 215 -22.01 -6.08 -21.50
C GLU D 215 -23.29 -5.72 -22.23
N ILE D 216 -24.00 -4.71 -21.71
CA ILE D 216 -25.25 -4.29 -22.32
C ILE D 216 -25.02 -3.73 -23.71
N LEU D 217 -24.09 -2.79 -23.84
CA LEU D 217 -23.78 -2.22 -25.14
C LEU D 217 -23.35 -3.30 -26.15
N SER D 218 -22.58 -4.28 -25.69
CA SER D 218 -22.14 -5.37 -26.57
C SER D 218 -23.28 -6.20 -27.16
N LEU D 219 -24.44 -6.21 -26.50
CA LEU D 219 -25.58 -7.01 -26.95
C LEU D 219 -26.27 -6.39 -28.17
N VAL D 220 -26.07 -5.10 -28.37
CA VAL D 220 -26.64 -4.43 -29.54
C VAL D 220 -25.67 -4.35 -30.71
N LYS D 221 -24.43 -3.96 -30.43
CA LYS D 221 -23.41 -3.85 -31.47
C LYS D 221 -23.30 -5.13 -32.31
N1 IMD E . -5.15 4.17 1.77
C2 IMD E . -3.98 4.54 1.22
N3 IMD E . -3.66 5.77 1.68
C4 IMD E . -4.64 6.18 2.52
C5 IMD E . -5.59 5.16 2.57
N1 IMD F . -12.50 12.99 -14.71
C2 IMD F . -13.21 11.86 -14.76
N3 IMD F . -13.22 11.28 -13.54
C4 IMD F . -12.50 12.07 -12.70
C5 IMD F . -12.05 13.16 -13.44
C1 GOL G . 23.11 9.40 16.96
O1 GOL G . 22.85 8.60 18.10
C2 GOL G . 23.96 8.58 16.01
O2 GOL G . 25.14 8.16 16.64
C3 GOL G . 24.32 9.42 14.79
O3 GOL G . 23.25 9.38 13.89
N1 IMD H . 7.66 -9.61 18.87
C2 IMD H . 9.00 -9.41 18.87
N3 IMD H . 9.26 -8.17 18.41
C4 IMD H . 8.08 -7.57 18.10
C5 IMD H . 7.07 -8.48 18.39
N1 IMD I . 29.86 7.35 16.45
C2 IMD I . 30.02 6.05 16.16
N3 IMD I . 28.82 5.52 15.81
C4 IMD I . 27.89 6.49 15.89
C5 IMD I . 28.55 7.66 16.29
N1 IMD J . 20.20 -2.62 4.67
C2 IMD J . 18.85 -2.73 4.57
N3 IMD J . 18.32 -1.47 4.55
C4 IMD J . 19.34 -0.59 4.65
C5 IMD J . 20.54 -1.31 4.71
N1 IMD K . 13.49 17.03 -3.99
C2 IMD K . 13.64 18.30 -4.43
N3 IMD K . 12.74 18.53 -5.41
C4 IMD K . 12.02 17.39 -5.58
C5 IMD K . 12.49 16.44 -4.69
C1 GOL L . 15.04 12.28 -2.86
O1 GOL L . 13.80 11.78 -2.40
C2 GOL L . 14.89 13.69 -3.43
O2 GOL L . 14.13 14.49 -2.53
C3 GOL L . 16.26 14.32 -3.59
O3 GOL L . 16.64 14.89 -2.36
#